data_3LFI
#
_entry.id   3LFI
#
_cell.length_a   97.949
_cell.length_b   110.254
_cell.length_c   129.893
_cell.angle_alpha   90.00
_cell.angle_beta   90.00
_cell.angle_gamma   90.00
#
_symmetry.space_group_name_H-M   'P 21 21 21'
#
loop_
_entity.id
_entity.type
_entity.pdbx_description
1 polymer Fructosyltransferase
2 non-polymer beta-D-glucopyranose
3 water water
#
_entity_poly.entity_id   1
_entity_poly.type   'polypeptide(L)'
_entity_poly.pdbx_seq_one_letter_code
;SYHLDTTAPPPTNLSTLPNNTLFHLWRPRAHILPAEGQIGDPCAHYTDPSTGLFHVGFLHDGDGIAGATTANLATYTDTS
DNGSFLIQPGGKNDPVAVFDGAVIPVGVNNTPTLLYTSVSFLPIHWSIPYTRGSETQSLAVARDGGRRFDKLDQGPVIAD
HPFAVDVTAFRDPFVFRSARLDVLLSLDEEVARNETAVQQAVDGWTEKNAPWYVAVSGGVHGVGPAQFLYRQNGGNASEF
QYWEYLGEWWQEATNSSWGDEGTWAGRWGFNFETGNVLFLTEEGHDPQTGEVFVTLGTEGSGLPIVPQVSSIHDMLWAAG
EVGVGSEQEGAKVEFSPSMAGFLDWGFSAYAAAGKVLPASSAVSKTSGVEVDRYVSFVWLTGDQYEQADGFPTAQQGWTG
SLLLPRELKVQTVENVVDNELVREEGVSWVVGESDNQTATLRTLGITIARETKAALLANGSVTAEEDRTLQTAAVVPFAQ
SPSSKFFVLTAQLEFPASARSSPLQSGFEILASELERTAIYYQFSNESLVVDRSQTSAAAPTNPGLDSFTESGKLRLFDV
IENGQEQVETLDLTVVVDNAVVEVYANGRFALSTWARSWYDNSTQIRFFHNGEGEVQFRNVSVSEGLYNAWPER
;
_entity_poly.pdbx_strand_id   A,B
#
loop_
_chem_comp.id
_chem_comp.type
_chem_comp.name
_chem_comp.formula
BGC D-saccharide, beta linking beta-D-glucopyranose 'C6 H12 O6'
#
# COMPACT_ATOMS: atom_id res chain seq x y z
N SER A 1 -49.44 -15.78 9.71
CA SER A 1 -48.61 -16.23 10.87
C SER A 1 -48.79 -17.72 11.10
N TYR A 2 -47.86 -18.34 11.83
CA TYR A 2 -47.92 -19.77 12.10
C TYR A 2 -47.02 -20.22 13.25
N HIS A 3 -47.63 -20.87 14.24
CA HIS A 3 -46.91 -21.39 15.40
C HIS A 3 -46.24 -22.71 15.01
N LEU A 4 -44.92 -22.70 14.94
CA LEU A 4 -44.16 -23.88 14.54
C LEU A 4 -44.57 -25.16 15.25
N ASP A 5 -45.18 -26.07 14.50
CA ASP A 5 -45.61 -27.35 15.03
C ASP A 5 -44.87 -28.41 14.25
N THR A 6 -43.77 -28.93 14.81
CA THR A 6 -42.99 -29.92 14.09
C THR A 6 -43.48 -31.36 14.20
N THR A 7 -44.75 -31.51 14.56
CA THR A 7 -45.36 -32.84 14.64
C THR A 7 -46.38 -32.87 13.50
N ALA A 8 -46.52 -31.73 12.84
CA ALA A 8 -47.45 -31.59 11.73
C ALA A 8 -46.67 -31.31 10.45
N PRO A 9 -47.30 -31.55 9.29
CA PRO A 9 -46.59 -31.30 8.03
C PRO A 9 -46.07 -29.87 7.96
N PRO A 10 -44.92 -29.68 7.29
CA PRO A 10 -44.36 -28.33 7.17
C PRO A 10 -45.17 -27.50 6.20
N PRO A 11 -45.12 -26.17 6.35
CA PRO A 11 -45.89 -25.35 5.41
C PRO A 11 -45.21 -25.46 4.05
N THR A 12 -45.96 -25.24 2.98
CA THR A 12 -45.39 -25.32 1.65
C THR A 12 -44.18 -24.40 1.46
N ASN A 13 -44.33 -23.12 1.80
CA ASN A 13 -43.22 -22.19 1.65
C ASN A 13 -42.74 -21.65 2.98
N LEU A 14 -41.60 -22.18 3.44
CA LEU A 14 -41.02 -21.78 4.71
C LEU A 14 -40.68 -20.30 4.81
N SER A 15 -40.46 -19.64 3.69
CA SER A 15 -40.10 -18.24 3.72
C SER A 15 -41.25 -17.30 4.07
N THR A 16 -42.48 -17.81 4.10
CA THR A 16 -43.61 -16.97 4.44
C THR A 16 -43.82 -16.92 5.95
N LEU A 17 -42.96 -17.60 6.69
CA LEU A 17 -43.05 -17.63 8.14
C LEU A 17 -42.42 -16.40 8.77
N PRO A 18 -42.78 -16.08 10.02
CA PRO A 18 -42.22 -14.90 10.69
C PRO A 18 -40.72 -15.10 10.95
N ASN A 19 -40.02 -14.01 11.26
CA ASN A 19 -38.59 -14.11 11.53
C ASN A 19 -38.32 -14.92 12.79
N ASN A 20 -37.23 -15.67 12.77
CA ASN A 20 -36.80 -16.43 13.94
C ASN A 20 -37.68 -17.63 14.34
N THR A 21 -38.75 -17.89 13.59
CA THR A 21 -39.60 -19.02 13.94
C THR A 21 -38.90 -20.38 13.79
N LEU A 22 -37.88 -20.45 12.94
CA LEU A 22 -37.15 -21.69 12.74
C LEU A 22 -35.79 -21.70 13.46
N PHE A 23 -35.60 -20.74 14.37
CA PHE A 23 -34.34 -20.60 15.09
C PHE A 23 -33.76 -21.88 15.73
N HIS A 24 -34.61 -22.68 16.38
CA HIS A 24 -34.12 -23.88 17.04
C HIS A 24 -34.27 -25.19 16.27
N LEU A 25 -35.10 -25.17 15.23
CA LEU A 25 -35.37 -26.38 14.44
C LEU A 25 -34.19 -27.30 14.13
N TRP A 26 -33.10 -26.75 13.61
CA TRP A 26 -31.96 -27.61 13.31
C TRP A 26 -30.63 -27.06 13.80
N ARG A 27 -30.71 -26.25 14.85
CA ARG A 27 -29.53 -25.64 15.46
C ARG A 27 -28.80 -26.63 16.36
N PRO A 28 -27.47 -26.73 16.19
CA PRO A 28 -26.66 -27.64 17.00
C PRO A 28 -26.48 -27.10 18.41
N ARG A 29 -26.04 -27.97 19.33
CA ARG A 29 -25.82 -27.57 20.73
C ARG A 29 -24.38 -27.75 21.15
N ALA A 30 -23.66 -28.61 20.44
CA ALA A 30 -22.27 -28.88 20.77
C ALA A 30 -21.28 -28.30 19.77
N HIS A 31 -21.70 -27.37 18.85
CA HIS A 31 -20.82 -26.78 17.84
C HIS A 31 -20.53 -25.30 18.04
N ILE A 32 -19.50 -24.86 17.49
CA ILE A 32 -19.09 -23.47 17.57
C ILE A 32 -19.79 -22.60 16.52
N LEU A 33 -20.65 -21.71 17.02
CA LEU A 33 -21.37 -20.75 16.19
C LEU A 33 -21.76 -19.56 17.07
N PRO A 34 -21.96 -18.38 16.46
CA PRO A 34 -22.33 -17.18 17.21
C PRO A 34 -23.72 -17.29 17.84
N ALA A 35 -24.06 -16.38 18.74
CA ALA A 35 -25.37 -16.40 19.41
C ALA A 35 -26.51 -16.33 18.41
N GLU A 36 -26.22 -15.70 17.27
CA GLU A 36 -27.20 -15.55 16.19
C GLU A 36 -26.49 -15.01 14.96
N GLY A 37 -27.21 -14.93 13.84
CA GLY A 37 -26.62 -14.40 12.63
C GLY A 37 -25.72 -15.38 11.88
N GLN A 38 -24.97 -14.87 10.90
CA GLN A 38 -24.13 -15.79 10.13
C GLN A 38 -22.67 -15.84 10.54
N ILE A 39 -22.08 -17.00 10.31
CA ILE A 39 -20.69 -17.23 10.59
C ILE A 39 -20.01 -17.63 9.29
N GLY A 40 -18.85 -17.03 9.03
CA GLY A 40 -18.08 -17.30 7.84
C GLY A 40 -16.81 -18.07 8.20
N ASP A 41 -15.70 -17.77 7.52
CA ASP A 41 -14.44 -18.47 7.78
C ASP A 41 -13.91 -18.39 9.21
N PRO A 42 -13.48 -19.53 9.78
CA PRO A 42 -12.94 -19.42 11.12
C PRO A 42 -11.53 -18.84 10.88
N CYS A 43 -10.91 -18.25 11.88
CA CYS A 43 -9.58 -17.69 11.73
C CYS A 43 -9.11 -17.07 13.03
N ALA A 44 -7.88 -16.57 13.03
CA ALA A 44 -7.30 -15.88 14.16
C ALA A 44 -7.30 -16.60 15.51
N HIS A 45 -7.10 -17.92 15.50
CA HIS A 45 -7.06 -18.69 16.74
C HIS A 45 -5.69 -18.53 17.38
N TYR A 46 -5.62 -18.65 18.70
CA TYR A 46 -4.34 -18.55 19.40
C TYR A 46 -4.47 -18.86 20.88
N THR A 47 -3.35 -19.27 21.48
CA THR A 47 -3.33 -19.57 22.89
C THR A 47 -2.71 -18.35 23.57
N ASP A 48 -3.41 -17.79 24.54
CA ASP A 48 -2.93 -16.62 25.25
C ASP A 48 -1.78 -17.08 26.16
N PRO A 49 -0.56 -16.59 25.89
CA PRO A 49 0.63 -16.96 26.69
C PRO A 49 0.46 -16.65 28.17
N SER A 50 -0.28 -15.59 28.47
CA SER A 50 -0.53 -15.15 29.83
C SER A 50 -1.51 -16.04 30.61
N THR A 51 -2.64 -16.34 30.00
CA THR A 51 -3.68 -17.15 30.64
C THR A 51 -3.66 -18.64 30.30
N GLY A 52 -3.11 -18.97 29.13
CA GLY A 52 -3.08 -20.37 28.72
C GLY A 52 -4.38 -20.77 28.04
N LEU A 53 -5.34 -19.85 28.00
CA LEU A 53 -6.63 -20.11 27.36
C LEU A 53 -6.50 -20.16 25.84
N PHE A 54 -7.35 -20.93 25.18
CA PHE A 54 -7.31 -21.01 23.74
C PHE A 54 -8.39 -20.10 23.16
N HIS A 55 -7.98 -19.20 22.27
CA HIS A 55 -8.90 -18.28 21.66
C HIS A 55 -9.31 -18.77 20.27
N VAL A 56 -10.60 -18.65 19.97
CA VAL A 56 -11.15 -19.05 18.68
C VAL A 56 -11.76 -17.85 17.98
N GLY A 57 -11.54 -17.75 16.67
CA GLY A 57 -12.09 -16.64 15.92
C GLY A 57 -12.85 -17.08 14.68
N PHE A 58 -13.68 -16.19 14.16
CA PHE A 58 -14.45 -16.46 12.95
C PHE A 58 -15.09 -15.18 12.44
N LEU A 59 -15.21 -15.08 11.11
CA LEU A 59 -15.85 -13.92 10.49
C LEU A 59 -17.31 -14.05 10.91
N HIS A 60 -17.97 -12.90 11.12
CA HIS A 60 -19.35 -12.92 11.57
C HIS A 60 -20.17 -11.83 10.88
N ASP A 61 -21.26 -12.24 10.24
CA ASP A 61 -22.16 -11.35 9.52
C ASP A 61 -21.46 -10.52 8.46
N GLY A 62 -20.32 -11.00 7.98
CA GLY A 62 -19.56 -10.28 6.96
C GLY A 62 -19.16 -8.89 7.44
N ASP A 63 -19.02 -8.73 8.75
CA ASP A 63 -18.68 -7.44 9.33
C ASP A 63 -17.55 -7.54 10.36
N GLY A 64 -16.58 -8.40 10.08
CA GLY A 64 -15.46 -8.55 10.99
C GLY A 64 -15.24 -9.92 11.61
N ILE A 65 -14.26 -9.98 12.48
CA ILE A 65 -13.88 -11.19 13.19
C ILE A 65 -14.43 -11.15 14.61
N ALA A 66 -15.12 -12.21 15.01
CA ALA A 66 -15.66 -12.32 16.36
C ALA A 66 -14.85 -13.38 17.07
N GLY A 67 -14.95 -13.44 18.39
CA GLY A 67 -14.19 -14.41 19.14
C GLY A 67 -14.87 -15.06 20.32
N ALA A 68 -14.25 -16.15 20.77
CA ALA A 68 -14.73 -16.91 21.91
C ALA A 68 -13.50 -17.54 22.54
N THR A 69 -13.60 -17.91 23.81
CA THR A 69 -12.50 -18.54 24.51
C THR A 69 -12.91 -19.87 25.13
N THR A 70 -11.92 -20.73 25.35
CA THR A 70 -12.17 -22.02 25.96
C THR A 70 -10.97 -22.42 26.81
N ALA A 71 -11.24 -23.07 27.94
CA ALA A 71 -10.20 -23.51 28.84
C ALA A 71 -10.07 -25.03 28.79
N ASN A 72 -10.99 -25.67 28.07
CA ASN A 72 -10.98 -27.13 27.99
C ASN A 72 -11.17 -27.68 26.58
N LEU A 73 -11.50 -26.81 25.64
CA LEU A 73 -11.73 -27.24 24.27
C LEU A 73 -12.98 -28.13 24.22
N ALA A 74 -13.97 -27.76 25.04
CA ALA A 74 -15.24 -28.48 25.11
C ALA A 74 -16.34 -27.44 25.21
N THR A 75 -16.18 -26.51 26.13
CA THR A 75 -17.14 -25.45 26.34
C THR A 75 -16.49 -24.11 26.02
N TYR A 76 -17.28 -23.21 25.46
CA TYR A 76 -16.78 -21.90 25.05
C TYR A 76 -17.50 -20.74 25.70
N THR A 77 -16.88 -19.58 25.61
CA THR A 77 -17.46 -18.36 26.15
C THR A 77 -17.20 -17.22 25.17
N ASP A 78 -18.25 -16.50 24.82
CA ASP A 78 -18.13 -15.35 23.91
C ASP A 78 -17.22 -14.31 24.56
N THR A 79 -16.40 -13.63 23.76
CA THR A 79 -15.51 -12.62 24.30
C THR A 79 -16.32 -11.42 24.76
N SER A 80 -17.46 -11.18 24.11
CA SER A 80 -18.32 -10.07 24.48
C SER A 80 -19.70 -10.28 23.90
N ASP A 81 -20.62 -9.40 24.26
CA ASP A 81 -21.99 -9.48 23.75
C ASP A 81 -22.10 -8.67 22.47
N ASN A 82 -23.33 -8.52 21.99
CA ASN A 82 -23.61 -7.74 20.79
C ASN A 82 -22.73 -8.16 19.61
N GLY A 83 -22.66 -9.46 19.35
CA GLY A 83 -21.85 -9.94 18.24
C GLY A 83 -20.51 -10.52 18.65
N SER A 84 -19.98 -10.09 19.79
CA SER A 84 -18.71 -10.56 20.32
C SER A 84 -17.56 -10.28 19.34
N PHE A 85 -17.68 -9.19 18.60
CA PHE A 85 -16.67 -8.79 17.63
C PHE A 85 -15.34 -8.38 18.24
N LEU A 86 -14.25 -8.75 17.56
CA LEU A 86 -12.90 -8.42 18.00
C LEU A 86 -12.38 -7.23 17.22
N ILE A 87 -12.68 -7.22 15.92
CA ILE A 87 -12.24 -6.15 15.03
C ILE A 87 -13.19 -6.10 13.86
N GLN A 88 -13.54 -4.88 13.43
CA GLN A 88 -14.47 -4.70 12.33
C GLN A 88 -13.91 -3.66 11.34
N PRO A 89 -14.45 -3.63 10.10
CA PRO A 89 -13.96 -2.67 9.11
C PRO A 89 -14.31 -1.22 9.39
N GLY A 90 -13.76 -0.33 8.57
CA GLY A 90 -14.01 1.10 8.75
C GLY A 90 -12.74 1.85 9.08
N GLY A 91 -11.63 1.13 9.19
CA GLY A 91 -10.36 1.76 9.47
C GLY A 91 -9.84 2.33 8.17
N LYS A 92 -8.67 2.98 8.19
CA LYS A 92 -8.14 3.54 6.95
C LYS A 92 -7.61 2.45 6.03
N ASN A 93 -7.09 1.36 6.62
CA ASN A 93 -6.54 0.24 5.84
C ASN A 93 -7.62 -0.74 5.36
N ASP A 94 -8.71 -0.84 6.13
CA ASP A 94 -9.83 -1.74 5.82
C ASP A 94 -11.16 -0.99 5.76
N PRO A 95 -11.26 0.02 4.88
CA PRO A 95 -12.51 0.78 4.79
C PRO A 95 -13.72 -0.04 4.35
N VAL A 96 -13.48 -1.10 3.58
CA VAL A 96 -14.57 -1.91 3.07
C VAL A 96 -14.86 -3.19 3.87
N ALA A 97 -13.82 -3.94 4.23
CA ALA A 97 -14.06 -5.16 5.00
C ALA A 97 -12.82 -5.71 5.70
N VAL A 98 -13.06 -6.67 6.58
CA VAL A 98 -12.00 -7.35 7.31
C VAL A 98 -12.07 -8.85 6.96
N PHE A 99 -11.06 -9.35 6.26
CA PHE A 99 -11.01 -10.77 5.89
C PHE A 99 -10.19 -11.57 6.89
N ASP A 100 -9.96 -12.85 6.60
CA ASP A 100 -9.22 -13.73 7.50
C ASP A 100 -7.87 -13.22 7.99
N GLY A 101 -7.50 -13.65 9.18
CA GLY A 101 -6.23 -13.26 9.77
C GLY A 101 -5.68 -14.35 10.68
N ALA A 102 -4.43 -14.20 11.10
CA ALA A 102 -3.81 -15.19 11.98
C ALA A 102 -3.08 -14.41 13.08
N VAL A 103 -2.83 -15.07 14.20
CA VAL A 103 -2.19 -14.42 15.34
C VAL A 103 -0.83 -14.96 15.78
N ILE A 104 0.07 -14.02 16.05
CA ILE A 104 1.39 -14.32 16.56
C ILE A 104 1.16 -14.05 18.06
N PRO A 105 1.28 -15.08 18.91
CA PRO A 105 1.08 -14.98 20.36
C PRO A 105 1.91 -13.89 21.05
N VAL A 106 3.19 -13.83 20.72
CA VAL A 106 4.07 -12.82 21.30
C VAL A 106 4.58 -11.96 20.15
N GLY A 107 3.86 -10.89 19.84
CA GLY A 107 4.27 -10.03 18.73
C GLY A 107 4.59 -8.60 19.14
N VAL A 108 3.83 -7.66 18.58
CA VAL A 108 4.03 -6.25 18.89
C VAL A 108 3.72 -6.03 20.38
N ASN A 109 4.57 -5.26 21.05
CA ASN A 109 4.40 -5.00 22.49
C ASN A 109 4.37 -6.33 23.24
N ASN A 110 4.96 -7.35 22.64
CA ASN A 110 5.02 -8.69 23.22
C ASN A 110 3.67 -9.26 23.56
N THR A 111 2.64 -8.85 22.81
CA THR A 111 1.28 -9.34 23.02
C THR A 111 0.74 -10.01 21.77
N PRO A 112 -0.37 -10.74 21.89
CA PRO A 112 -0.96 -11.41 20.73
C PRO A 112 -1.23 -10.38 19.63
N THR A 113 -0.64 -10.61 18.45
CA THR A 113 -0.80 -9.69 17.33
C THR A 113 -1.48 -10.35 16.13
N LEU A 114 -2.52 -9.71 15.63
CA LEU A 114 -3.28 -10.21 14.48
C LEU A 114 -2.76 -9.63 13.16
N LEU A 115 -2.42 -10.51 12.22
CA LEU A 115 -1.98 -10.10 10.90
C LEU A 115 -3.19 -10.51 10.07
N TYR A 116 -3.87 -9.53 9.46
CA TYR A 116 -5.08 -9.85 8.73
C TYR A 116 -5.22 -9.10 7.42
N THR A 117 -6.03 -9.66 6.53
CA THR A 117 -6.27 -9.03 5.25
C THR A 117 -7.28 -7.89 5.42
N SER A 118 -6.82 -6.66 5.19
CA SER A 118 -7.66 -5.49 5.30
C SER A 118 -8.12 -5.22 3.87
N VAL A 119 -9.43 -5.04 3.68
CA VAL A 119 -10.01 -4.83 2.36
C VAL A 119 -10.48 -3.42 2.05
N SER A 120 -10.05 -2.91 0.89
CA SER A 120 -10.40 -1.56 0.47
C SER A 120 -11.27 -1.47 -0.77
N PHE A 121 -11.43 -2.58 -1.49
CA PHE A 121 -12.25 -2.58 -2.70
C PHE A 121 -12.93 -3.92 -2.92
N LEU A 122 -14.12 -3.89 -3.51
CA LEU A 122 -14.91 -5.08 -3.84
C LEU A 122 -15.57 -4.77 -5.17
N PRO A 123 -15.92 -5.79 -5.96
CA PRO A 123 -15.73 -7.22 -5.69
C PRO A 123 -14.30 -7.74 -5.89
N ILE A 124 -14.08 -8.96 -5.41
CA ILE A 124 -12.81 -9.65 -5.53
C ILE A 124 -13.18 -11.09 -5.85
N HIS A 125 -12.67 -11.59 -6.96
CA HIS A 125 -12.95 -12.97 -7.36
C HIS A 125 -11.99 -13.33 -8.48
N TRP A 126 -11.48 -14.55 -8.44
CA TRP A 126 -10.52 -15.02 -9.43
C TRP A 126 -10.98 -14.92 -10.88
N SER A 127 -12.29 -14.95 -11.09
CA SER A 127 -12.85 -14.92 -12.45
C SER A 127 -13.06 -13.53 -13.05
N ILE A 128 -12.65 -12.49 -12.34
CA ILE A 128 -12.79 -11.13 -12.84
C ILE A 128 -11.51 -10.36 -12.57
N PRO A 129 -11.27 -9.25 -13.30
CA PRO A 129 -10.06 -8.45 -13.11
C PRO A 129 -9.85 -8.08 -11.64
N TYR A 130 -8.60 -8.09 -11.20
CA TYR A 130 -8.27 -7.73 -9.83
C TYR A 130 -8.05 -6.23 -9.69
N THR A 131 -8.69 -5.62 -8.69
CA THR A 131 -8.53 -4.19 -8.45
C THR A 131 -7.31 -3.98 -7.56
N ARG A 132 -6.35 -3.20 -8.05
CA ARG A 132 -5.12 -2.93 -7.30
C ARG A 132 -5.47 -2.37 -5.92
N GLY A 133 -4.79 -2.85 -4.88
CA GLY A 133 -5.02 -2.37 -3.53
C GLY A 133 -6.25 -2.94 -2.86
N SER A 134 -6.85 -3.97 -3.49
CA SER A 134 -8.05 -4.62 -2.98
C SER A 134 -7.82 -5.22 -1.60
N GLU A 135 -6.74 -5.98 -1.50
CA GLU A 135 -6.40 -6.66 -0.26
C GLU A 135 -4.96 -6.37 0.15
N THR A 136 -4.78 -5.99 1.42
CA THR A 136 -3.46 -5.71 1.98
C THR A 136 -3.40 -6.46 3.30
N GLN A 137 -2.23 -6.53 3.93
CA GLN A 137 -2.13 -7.25 5.19
C GLN A 137 -1.75 -6.23 6.29
N SER A 138 -2.63 -6.07 7.27
CA SER A 138 -2.41 -5.11 8.36
C SER A 138 -2.30 -5.80 9.72
N LEU A 139 -1.80 -5.05 10.71
CA LEU A 139 -1.62 -5.55 12.06
C LEU A 139 -2.57 -4.90 13.07
N ALA A 140 -2.92 -5.67 14.10
CA ALA A 140 -3.78 -5.20 15.17
C ALA A 140 -3.27 -5.91 16.41
N VAL A 141 -3.40 -5.28 17.57
CA VAL A 141 -2.93 -5.90 18.81
C VAL A 141 -4.09 -6.18 19.78
N ALA A 142 -4.00 -7.31 20.47
CA ALA A 142 -5.03 -7.71 21.42
C ALA A 142 -5.03 -6.85 22.68
N ARG A 143 -6.21 -6.48 23.13
CA ARG A 143 -6.37 -5.68 24.34
C ARG A 143 -7.42 -6.36 25.20
N ASP A 144 -7.43 -6.01 26.49
CA ASP A 144 -8.40 -6.55 27.45
C ASP A 144 -8.63 -8.05 27.33
N GLY A 145 -7.62 -8.83 27.67
CA GLY A 145 -7.73 -10.28 27.62
C GLY A 145 -8.02 -10.85 26.24
N GLY A 146 -8.01 -10.01 25.22
CA GLY A 146 -8.26 -10.48 23.87
C GLY A 146 -9.71 -10.33 23.45
N ARG A 147 -10.47 -9.57 24.21
CA ARG A 147 -11.88 -9.34 23.89
C ARG A 147 -11.96 -8.29 22.79
N ARG A 148 -10.81 -7.82 22.36
CA ARG A 148 -10.76 -6.81 21.31
C ARG A 148 -9.36 -6.75 20.70
N PHE A 149 -9.30 -6.36 19.43
CA PHE A 149 -8.04 -6.19 18.71
C PHE A 149 -8.02 -4.78 18.14
N ASP A 150 -7.09 -3.96 18.63
CA ASP A 150 -6.97 -2.59 18.15
C ASP A 150 -5.99 -2.53 17.00
N LYS A 151 -6.43 -1.96 15.88
CA LYS A 151 -5.60 -1.84 14.68
C LYS A 151 -4.44 -0.91 14.99
N LEU A 152 -3.24 -1.24 14.53
CA LEU A 152 -2.12 -0.37 14.77
C LEU A 152 -2.35 0.88 13.94
N ASP A 153 -1.96 2.01 14.48
CA ASP A 153 -2.14 3.29 13.80
C ASP A 153 -1.13 3.56 12.69
N GLN A 154 -1.26 2.82 11.60
CA GLN A 154 -0.42 2.98 10.42
C GLN A 154 -0.93 2.11 9.29
N GLY A 155 -0.30 2.20 8.13
CA GLY A 155 -0.75 1.41 6.99
C GLY A 155 -0.39 -0.05 7.09
N PRO A 156 -0.83 -0.87 6.13
CA PRO A 156 -0.55 -2.31 6.11
C PRO A 156 0.95 -2.60 6.14
N VAL A 157 1.34 -3.74 6.70
CA VAL A 157 2.75 -4.12 6.75
C VAL A 157 3.17 -4.80 5.47
N ILE A 158 2.19 -5.24 4.70
CA ILE A 158 2.41 -5.84 3.40
C ILE A 158 1.35 -5.10 2.59
N ALA A 159 1.76 -3.95 2.05
CA ALA A 159 0.85 -3.06 1.33
C ALA A 159 0.51 -3.38 -0.12
N ASP A 160 1.06 -4.44 -0.66
CA ASP A 160 0.75 -4.77 -2.05
C ASP A 160 1.16 -6.21 -2.34
N HIS A 161 0.52 -6.81 -3.35
CA HIS A 161 0.86 -8.18 -3.72
C HIS A 161 2.20 -8.10 -4.47
N PRO A 162 2.83 -9.25 -4.75
CA PRO A 162 4.11 -9.23 -5.46
C PRO A 162 4.11 -8.31 -6.69
N PHE A 163 5.18 -7.53 -6.83
CA PHE A 163 5.32 -6.55 -7.92
C PHE A 163 4.99 -7.03 -9.32
N ALA A 164 4.06 -6.30 -9.95
CA ALA A 164 3.62 -6.57 -11.31
C ALA A 164 3.06 -7.96 -11.54
N VAL A 165 2.63 -8.63 -10.47
CA VAL A 165 2.05 -9.96 -10.62
C VAL A 165 0.54 -9.81 -10.58
N ASP A 166 -0.12 -10.26 -11.66
CA ASP A 166 -1.56 -10.15 -11.78
C ASP A 166 -2.30 -11.22 -10.96
N VAL A 167 -2.28 -11.05 -9.64
CA VAL A 167 -2.91 -12.01 -8.75
C VAL A 167 -4.43 -12.10 -8.90
N THR A 168 -4.96 -13.29 -8.62
CA THR A 168 -6.39 -13.52 -8.68
C THR A 168 -6.94 -13.19 -7.29
N ALA A 169 -6.06 -13.27 -6.30
CA ALA A 169 -6.39 -13.01 -4.90
C ALA A 169 -5.10 -12.92 -4.07
N PHE A 170 -5.18 -12.28 -2.91
CA PHE A 170 -4.00 -12.11 -2.06
C PHE A 170 -4.50 -11.89 -0.64
N ARG A 171 -4.98 -12.96 -0.01
CA ARG A 171 -5.56 -12.88 1.33
C ARG A 171 -5.32 -14.11 2.20
N ASP A 172 -5.85 -14.04 3.43
CA ASP A 172 -5.80 -15.12 4.41
C ASP A 172 -4.42 -15.44 4.97
N PRO A 173 -3.70 -14.43 5.48
CA PRO A 173 -2.38 -14.72 6.03
C PRO A 173 -2.39 -15.75 7.15
N PHE A 174 -1.44 -16.67 7.12
CA PHE A 174 -1.31 -17.70 8.15
C PHE A 174 0.16 -17.68 8.58
N VAL A 175 0.40 -17.55 9.88
CA VAL A 175 1.76 -17.47 10.40
C VAL A 175 2.24 -18.78 11.00
N PHE A 176 3.53 -19.07 10.85
CA PHE A 176 4.09 -20.30 11.35
C PHE A 176 5.61 -20.24 11.40
N ARG A 177 6.20 -21.15 12.16
CA ARG A 177 7.66 -21.23 12.27
C ARG A 177 8.09 -22.58 11.71
N SER A 178 9.33 -22.67 11.25
CA SER A 178 9.83 -23.91 10.67
C SER A 178 11.34 -24.03 10.69
N ALA A 179 11.84 -25.07 11.35
CA ALA A 179 13.27 -25.31 11.43
C ALA A 179 13.81 -25.54 10.03
N ARG A 180 13.09 -26.39 9.29
CA ARG A 180 13.44 -26.75 7.92
C ARG A 180 13.63 -25.51 7.03
N LEU A 181 12.63 -24.63 7.01
CA LEU A 181 12.71 -23.42 6.20
C LEU A 181 13.88 -22.53 6.62
N ASP A 182 14.01 -22.28 7.92
CA ASP A 182 15.10 -21.45 8.41
C ASP A 182 16.45 -22.00 7.94
N VAL A 183 16.65 -23.31 8.14
CA VAL A 183 17.91 -23.94 7.74
C VAL A 183 18.15 -23.75 6.25
N LEU A 184 17.20 -24.17 5.43
CA LEU A 184 17.32 -24.04 3.99
C LEU A 184 17.66 -22.62 3.53
N LEU A 185 17.16 -21.61 4.24
CA LEU A 185 17.41 -20.21 3.90
C LEU A 185 18.67 -19.63 4.55
N SER A 186 19.44 -20.46 5.24
CA SER A 186 20.64 -20.00 5.91
C SER A 186 21.90 -20.62 5.33
N LEU A 187 21.75 -21.78 4.70
CA LEU A 187 22.87 -22.50 4.09
C LEU A 187 23.14 -21.99 2.67
N ASP A 188 24.20 -22.51 2.06
CA ASP A 188 24.56 -22.12 0.70
C ASP A 188 23.59 -22.78 -0.28
N GLU A 189 23.83 -22.62 -1.58
CA GLU A 189 22.95 -23.22 -2.58
C GLU A 189 23.21 -24.71 -2.75
N GLU A 190 24.43 -25.13 -2.42
CA GLU A 190 24.80 -26.54 -2.53
C GLU A 190 24.74 -27.23 -1.17
N VAL A 191 25.06 -26.49 -0.11
CA VAL A 191 25.04 -27.04 1.24
C VAL A 191 23.62 -27.40 1.64
N ALA A 192 22.65 -26.71 1.03
CA ALA A 192 21.24 -26.95 1.32
C ALA A 192 20.66 -27.99 0.37
N ARG A 193 21.52 -28.59 -0.45
CA ARG A 193 21.10 -29.61 -1.40
C ARG A 193 21.19 -30.99 -0.77
N ASN A 194 22.22 -31.19 0.05
CA ASN A 194 22.42 -32.48 0.72
C ASN A 194 21.68 -32.53 2.05
N GLU A 195 20.61 -33.31 2.09
CA GLU A 195 19.77 -33.47 3.27
C GLU A 195 20.57 -33.79 4.53
N THR A 196 21.75 -34.37 4.34
CA THR A 196 22.61 -34.73 5.46
C THR A 196 23.00 -33.50 6.28
N ALA A 197 23.93 -32.72 5.76
CA ALA A 197 24.40 -31.51 6.44
C ALA A 197 23.24 -30.61 6.85
N VAL A 198 22.12 -30.73 6.13
CA VAL A 198 20.94 -29.92 6.43
C VAL A 198 20.25 -30.39 7.71
N GLN A 199 20.19 -31.71 7.91
CA GLN A 199 19.55 -32.26 9.09
C GLN A 199 20.29 -31.86 10.37
N GLN A 200 21.61 -31.79 10.29
CA GLN A 200 22.40 -31.39 11.45
C GLN A 200 21.94 -30.04 11.97
N ALA A 201 21.79 -29.08 11.06
CA ALA A 201 21.34 -27.74 11.43
C ALA A 201 19.95 -27.79 12.05
N VAL A 202 19.07 -28.59 11.47
CA VAL A 202 17.70 -28.73 11.97
C VAL A 202 17.68 -29.19 13.42
N ASP A 203 18.53 -30.16 13.74
CA ASP A 203 18.61 -30.72 15.09
C ASP A 203 18.99 -29.67 16.14
N GLY A 204 19.67 -28.61 15.70
CA GLY A 204 20.09 -27.56 16.62
C GLY A 204 19.13 -26.38 16.68
N TRP A 205 18.13 -26.41 15.81
CA TRP A 205 17.13 -25.34 15.74
C TRP A 205 16.43 -25.07 17.07
N THR A 206 15.98 -23.83 17.26
CA THR A 206 15.28 -23.44 18.46
C THR A 206 14.14 -22.49 18.10
N GLU A 207 12.92 -22.92 18.39
CA GLU A 207 11.72 -22.14 18.08
C GLU A 207 11.66 -20.77 18.76
N LYS A 208 12.21 -20.68 19.96
CA LYS A 208 12.18 -19.43 20.72
C LYS A 208 12.56 -18.17 19.94
N ASN A 209 13.68 -18.22 19.23
CA ASN A 209 14.13 -17.06 18.47
C ASN A 209 13.99 -17.22 16.96
N ALA A 210 13.20 -18.21 16.54
CA ALA A 210 13.00 -18.45 15.12
C ALA A 210 12.08 -17.40 14.52
N PRO A 211 12.37 -16.95 13.29
CA PRO A 211 11.53 -15.93 12.64
C PRO A 211 10.18 -16.50 12.18
N TRP A 212 9.20 -15.61 12.02
CA TRP A 212 7.89 -16.04 11.57
C TRP A 212 7.73 -16.00 10.06
N TYR A 213 7.03 -17.00 9.54
CA TYR A 213 6.73 -17.10 8.12
C TYR A 213 5.25 -16.78 7.93
N VAL A 214 4.90 -16.23 6.78
CA VAL A 214 3.51 -15.92 6.47
C VAL A 214 3.15 -16.43 5.07
N ALA A 215 2.16 -17.31 4.99
CA ALA A 215 1.70 -17.83 3.71
C ALA A 215 0.40 -17.10 3.41
N VAL A 216 0.32 -16.51 2.22
CA VAL A 216 -0.87 -15.78 1.79
C VAL A 216 -1.42 -16.58 0.61
N SER A 217 -2.74 -16.73 0.54
CA SER A 217 -3.35 -17.52 -0.52
C SER A 217 -3.99 -16.75 -1.67
N GLY A 218 -3.85 -17.31 -2.87
CA GLY A 218 -4.44 -16.67 -4.04
C GLY A 218 -4.07 -17.42 -5.31
N GLY A 219 -3.60 -16.67 -6.30
CA GLY A 219 -3.23 -17.26 -7.58
C GLY A 219 -2.81 -16.16 -8.53
N VAL A 220 -2.49 -16.54 -9.77
CA VAL A 220 -2.06 -15.60 -10.79
C VAL A 220 -2.89 -15.82 -12.06
N HIS A 221 -3.54 -14.75 -12.51
CA HIS A 221 -4.38 -14.80 -13.69
C HIS A 221 -3.66 -15.46 -14.87
N GLY A 222 -4.36 -16.36 -15.54
CA GLY A 222 -3.80 -17.04 -16.69
C GLY A 222 -2.63 -17.95 -16.39
N VAL A 223 -2.41 -18.25 -15.11
CA VAL A 223 -1.30 -19.11 -14.73
C VAL A 223 -1.78 -20.23 -13.81
N GLY A 224 -2.37 -19.86 -12.68
CA GLY A 224 -2.87 -20.86 -11.76
C GLY A 224 -2.87 -20.44 -10.31
N PRO A 225 -3.50 -21.22 -9.43
CA PRO A 225 -3.57 -20.92 -7.99
C PRO A 225 -2.19 -21.02 -7.36
N ALA A 226 -2.01 -20.39 -6.22
CA ALA A 226 -0.71 -20.41 -5.57
C ALA A 226 -0.73 -19.85 -4.15
N GLN A 227 0.38 -20.02 -3.45
CA GLN A 227 0.55 -19.47 -2.10
C GLN A 227 1.78 -18.59 -2.16
N PHE A 228 1.67 -17.39 -1.61
CA PHE A 228 2.77 -16.43 -1.61
C PHE A 228 3.43 -16.51 -0.24
N LEU A 229 4.72 -16.80 -0.21
CA LEU A 229 5.44 -16.93 1.06
C LEU A 229 6.29 -15.73 1.46
N TYR A 230 6.17 -15.32 2.73
CA TYR A 230 6.92 -14.20 3.29
C TYR A 230 7.47 -14.61 4.66
N ARG A 231 8.43 -13.82 5.16
CA ARG A 231 8.97 -14.07 6.49
C ARG A 231 9.57 -12.78 7.02
N GLN A 232 9.55 -12.61 8.33
CA GLN A 232 10.10 -11.42 8.95
C GLN A 232 11.41 -11.08 8.25
N ASN A 233 11.52 -9.85 7.78
CA ASN A 233 12.71 -9.43 7.06
C ASN A 233 14.01 -9.88 7.69
N GLY A 234 14.88 -10.44 6.84
CA GLY A 234 16.18 -10.90 7.29
C GLY A 234 16.15 -11.99 8.35
N GLY A 235 15.01 -12.66 8.49
CA GLY A 235 14.91 -13.70 9.50
C GLY A 235 14.98 -13.15 10.90
N ASN A 236 14.68 -11.86 11.05
CA ASN A 236 14.71 -11.20 12.35
C ASN A 236 13.40 -11.43 13.10
N ALA A 237 13.42 -12.32 14.08
CA ALA A 237 12.22 -12.64 14.86
C ALA A 237 11.65 -11.42 15.58
N SER A 238 12.43 -10.34 15.62
CA SER A 238 12.01 -9.12 16.28
C SER A 238 11.40 -8.12 15.31
N GLU A 239 11.45 -8.43 14.02
CA GLU A 239 10.95 -7.55 12.97
C GLU A 239 9.49 -7.80 12.59
N PHE A 240 8.59 -6.89 12.93
CA PHE A 240 7.17 -7.05 12.59
C PHE A 240 6.69 -6.07 11.52
N GLN A 241 7.53 -5.11 11.17
CA GLN A 241 7.17 -4.12 10.17
C GLN A 241 7.40 -4.57 8.72
N TYR A 242 8.59 -5.11 8.45
CA TYR A 242 8.93 -5.55 7.10
C TYR A 242 9.01 -7.07 6.91
N TRP A 243 8.33 -7.56 5.89
CA TRP A 243 8.30 -8.99 5.61
C TRP A 243 8.87 -9.27 4.21
N GLU A 244 10.00 -9.96 4.15
CA GLU A 244 10.60 -10.23 2.84
C GLU A 244 9.82 -11.28 2.07
N TYR A 245 9.61 -11.02 0.78
CA TYR A 245 8.88 -11.95 -0.07
C TYR A 245 9.81 -13.06 -0.50
N LEU A 246 9.41 -14.30 -0.24
CA LEU A 246 10.21 -15.46 -0.58
C LEU A 246 9.75 -16.11 -1.88
N GLY A 247 8.72 -15.54 -2.48
CA GLY A 247 8.20 -16.09 -3.72
C GLY A 247 6.99 -17.00 -3.58
N GLU A 248 6.52 -17.51 -4.72
CA GLU A 248 5.38 -18.41 -4.77
C GLU A 248 5.90 -19.82 -4.49
N TRP A 249 6.10 -20.12 -3.23
CA TRP A 249 6.63 -21.41 -2.81
C TRP A 249 5.79 -22.62 -3.19
N TRP A 250 4.57 -22.39 -3.62
CA TRP A 250 3.65 -23.47 -3.94
C TRP A 250 2.69 -22.98 -5.03
N GLN A 251 2.75 -23.58 -6.21
CA GLN A 251 1.84 -23.20 -7.30
C GLN A 251 1.47 -24.38 -8.17
N GLU A 252 0.29 -24.32 -8.79
CA GLU A 252 -0.21 -25.39 -9.66
C GLU A 252 -0.85 -24.78 -10.91
N ALA A 253 -0.77 -25.50 -12.02
CA ALA A 253 -1.35 -25.03 -13.27
C ALA A 253 -2.85 -24.83 -13.09
N THR A 254 -3.41 -23.83 -13.77
CA THR A 254 -4.83 -23.53 -13.66
C THR A 254 -5.72 -24.75 -13.79
N ASN A 255 -6.52 -24.99 -12.76
CA ASN A 255 -7.47 -26.10 -12.73
C ASN A 255 -6.85 -27.49 -12.99
N SER A 256 -5.59 -27.67 -12.58
CA SER A 256 -4.93 -28.96 -12.73
C SER A 256 -5.44 -29.74 -11.53
N SER A 257 -4.98 -30.97 -11.34
CA SER A 257 -5.44 -31.77 -10.21
C SER A 257 -4.43 -32.82 -9.76
N TRP A 258 -4.54 -33.24 -8.50
CA TRP A 258 -3.64 -34.25 -7.96
C TRP A 258 -4.04 -35.57 -8.59
N GLY A 259 -3.07 -36.28 -9.16
CA GLY A 259 -3.39 -37.55 -9.79
C GLY A 259 -3.75 -37.33 -11.25
N ASP A 260 -3.62 -38.38 -12.05
CA ASP A 260 -3.92 -38.28 -13.47
C ASP A 260 -5.41 -38.20 -13.76
N GLU A 261 -6.24 -38.12 -12.73
CA GLU A 261 -7.69 -38.05 -12.93
C GLU A 261 -8.49 -37.33 -11.86
N GLY A 262 -7.81 -36.60 -10.98
CA GLY A 262 -8.50 -35.88 -9.92
C GLY A 262 -9.48 -36.77 -9.18
N THR A 263 -8.99 -37.94 -8.76
CA THR A 263 -9.81 -38.90 -8.04
C THR A 263 -9.79 -38.78 -6.53
N TRP A 264 -8.61 -38.61 -5.98
CA TRP A 264 -8.44 -38.55 -4.53
C TRP A 264 -8.33 -37.19 -3.86
N ALA A 265 -7.90 -36.11 -4.57
CA ALA A 265 -7.73 -34.79 -4.00
C ALA A 265 -8.33 -33.71 -4.89
N GLY A 266 -9.56 -33.98 -5.42
CA GLY A 266 -10.34 -32.98 -6.14
C GLY A 266 -9.53 -32.28 -7.22
N ARG A 267 -9.59 -30.96 -7.36
CA ARG A 267 -8.73 -30.26 -8.29
C ARG A 267 -8.11 -29.04 -7.59
N TRP A 268 -6.95 -28.61 -8.09
CA TRP A 268 -6.29 -27.44 -7.52
C TRP A 268 -7.11 -26.20 -7.82
N GLY A 269 -7.97 -26.31 -8.83
CA GLY A 269 -8.84 -25.20 -9.18
C GLY A 269 -8.24 -23.94 -9.78
N PHE A 270 -8.96 -22.84 -9.63
CA PHE A 270 -8.54 -21.56 -10.18
C PHE A 270 -7.97 -20.59 -9.15
N ASN A 271 -8.08 -20.93 -7.87
CA ASN A 271 -7.59 -20.05 -6.81
C ASN A 271 -7.48 -20.77 -5.47
N PHE A 272 -6.41 -20.50 -4.73
CA PHE A 272 -6.22 -21.10 -3.42
C PHE A 272 -6.70 -20.14 -2.36
N GLU A 273 -7.30 -20.68 -1.30
CA GLU A 273 -7.80 -19.88 -0.19
C GLU A 273 -7.43 -20.56 1.12
N THR A 274 -7.38 -19.85 2.21
CA THR A 274 -7.13 -20.35 3.57
C THR A 274 -6.03 -21.39 3.73
N GLY A 275 -4.97 -21.01 3.27
CA GLY A 275 -3.88 -21.96 3.42
C GLY A 275 -3.28 -21.95 4.81
N ASN A 276 -3.09 -23.14 5.40
CA ASN A 276 -2.50 -23.28 6.73
C ASN A 276 -1.27 -24.17 6.54
N VAL A 277 -0.16 -23.83 7.18
CA VAL A 277 1.05 -24.65 7.03
C VAL A 277 1.27 -25.39 8.34
N LEU A 278 1.36 -26.72 8.26
CA LEU A 278 1.52 -27.57 9.44
C LEU A 278 2.78 -28.42 9.39
N PHE A 279 3.22 -28.87 10.56
CA PHE A 279 4.39 -29.73 10.70
C PHE A 279 3.97 -30.84 11.64
N LEU A 280 3.58 -31.96 11.06
CA LEU A 280 3.06 -33.10 11.80
C LEU A 280 3.98 -34.31 12.06
N THR A 281 3.78 -34.91 13.23
CA THR A 281 4.50 -36.11 13.64
C THR A 281 3.41 -37.14 13.89
N GLU A 282 3.79 -38.33 14.30
CA GLU A 282 2.82 -39.37 14.58
C GLU A 282 2.02 -39.15 15.85
N GLU A 283 2.37 -38.12 16.62
CA GLU A 283 1.66 -37.83 17.85
C GLU A 283 1.09 -36.43 17.88
N GLY A 284 1.48 -35.59 16.91
CA GLY A 284 0.97 -34.23 16.89
C GLY A 284 1.72 -33.23 16.03
N HIS A 285 2.01 -32.08 16.60
CA HIS A 285 2.70 -31.01 15.88
C HIS A 285 4.10 -30.69 16.43
N ASP A 286 5.05 -30.48 15.53
CA ASP A 286 6.44 -30.15 15.88
C ASP A 286 7.09 -29.44 14.69
N PRO A 287 7.29 -28.13 14.79
CA PRO A 287 7.91 -27.34 13.70
C PRO A 287 9.37 -27.72 13.45
N GLN A 288 9.92 -28.56 14.31
CA GLN A 288 11.31 -28.97 14.17
C GLN A 288 11.45 -30.33 13.50
N THR A 289 10.59 -31.27 13.89
CA THR A 289 10.66 -32.62 13.35
C THR A 289 9.47 -33.09 12.51
N GLY A 290 8.39 -32.33 12.51
CA GLY A 290 7.21 -32.73 11.75
C GLY A 290 7.34 -32.64 10.24
N GLU A 291 6.57 -33.46 9.53
CA GLU A 291 6.59 -33.43 8.06
C GLU A 291 5.65 -32.30 7.62
N VAL A 292 6.05 -31.56 6.60
CA VAL A 292 5.23 -30.46 6.12
C VAL A 292 3.89 -30.90 5.56
N PHE A 293 2.82 -30.32 6.10
CA PHE A 293 1.45 -30.59 5.65
C PHE A 293 0.83 -29.23 5.39
N VAL A 294 -0.05 -29.15 4.41
CA VAL A 294 -0.73 -27.89 4.10
C VAL A 294 -2.21 -28.17 3.90
N THR A 295 -3.07 -27.38 4.53
CA THR A 295 -4.52 -27.54 4.35
C THR A 295 -4.96 -26.30 3.57
N LEU A 296 -5.89 -26.46 2.65
CA LEU A 296 -6.32 -25.32 1.87
C LEU A 296 -7.62 -25.57 1.16
N GLY A 297 -8.27 -24.48 0.78
CA GLY A 297 -9.50 -24.59 0.04
C GLY A 297 -9.17 -24.20 -1.40
N THR A 298 -9.82 -24.83 -2.35
CA THR A 298 -9.58 -24.49 -3.76
C THR A 298 -10.93 -24.18 -4.37
N GLU A 299 -10.99 -23.12 -5.16
CA GLU A 299 -12.23 -22.73 -5.83
C GLU A 299 -12.22 -23.33 -7.21
N GLY A 300 -13.29 -24.06 -7.53
CA GLY A 300 -13.37 -24.69 -8.83
C GLY A 300 -14.57 -24.24 -9.63
N SER A 301 -14.67 -24.73 -10.86
CA SER A 301 -15.77 -24.38 -11.73
C SER A 301 -15.81 -25.23 -12.99
N GLY A 302 -17.02 -25.52 -13.44
CA GLY A 302 -17.18 -26.30 -14.66
C GLY A 302 -17.14 -25.27 -15.79
N LEU A 303 -17.19 -25.75 -17.03
CA LEU A 303 -17.16 -24.85 -18.18
C LEU A 303 -18.53 -24.91 -18.86
N PRO A 304 -19.02 -23.77 -19.37
CA PRO A 304 -18.39 -22.45 -19.34
C PRO A 304 -18.43 -21.79 -17.97
N ILE A 305 -17.40 -20.98 -17.69
CA ILE A 305 -17.30 -20.27 -16.42
C ILE A 305 -18.35 -19.18 -16.30
N VAL A 306 -18.92 -19.04 -15.11
CA VAL A 306 -19.90 -18.00 -14.83
C VAL A 306 -19.18 -17.04 -13.88
N PRO A 307 -18.67 -15.92 -14.42
CA PRO A 307 -17.96 -14.91 -13.63
C PRO A 307 -18.58 -14.59 -12.27
N GLN A 308 -17.73 -14.59 -11.25
CA GLN A 308 -18.11 -14.32 -9.86
C GLN A 308 -18.82 -15.49 -9.18
N VAL A 309 -18.72 -16.66 -9.78
CA VAL A 309 -19.31 -17.87 -9.19
C VAL A 309 -18.30 -19.00 -9.14
N SER A 310 -18.00 -19.48 -7.95
CA SER A 310 -17.09 -20.60 -7.77
C SER A 310 -18.04 -21.76 -7.47
N SER A 311 -18.25 -22.62 -8.47
CA SER A 311 -19.18 -23.73 -8.33
C SER A 311 -18.71 -24.83 -7.38
N ILE A 312 -17.40 -24.94 -7.20
CA ILE A 312 -16.81 -25.96 -6.33
C ILE A 312 -15.87 -25.39 -5.27
N HIS A 313 -16.09 -25.77 -4.01
CA HIS A 313 -15.24 -25.32 -2.91
C HIS A 313 -14.69 -26.58 -2.21
N ASP A 314 -13.52 -27.04 -2.64
CA ASP A 314 -12.90 -28.23 -2.06
C ASP A 314 -12.02 -27.93 -0.85
N MET A 315 -12.23 -28.69 0.22
CA MET A 315 -11.45 -28.53 1.44
C MET A 315 -10.35 -29.59 1.40
N LEU A 316 -9.21 -29.22 0.83
CA LEU A 316 -8.07 -30.12 0.66
C LEU A 316 -6.91 -30.03 1.62
N TRP A 317 -6.02 -31.02 1.51
CA TRP A 317 -4.80 -31.07 2.30
C TRP A 317 -3.73 -31.74 1.43
N ALA A 318 -2.47 -31.42 1.69
CA ALA A 318 -1.37 -32.01 0.92
C ALA A 318 -0.17 -32.11 1.83
N ALA A 319 0.65 -33.12 1.59
CA ALA A 319 1.86 -33.32 2.38
C ALA A 319 3.00 -33.46 1.39
N GLY A 320 4.23 -33.23 1.84
CA GLY A 320 5.36 -33.33 0.95
C GLY A 320 6.62 -32.81 1.61
N GLU A 321 7.58 -32.38 0.81
CA GLU A 321 8.81 -31.85 1.37
C GLU A 321 9.08 -30.44 0.84
N VAL A 322 9.94 -29.73 1.54
CA VAL A 322 10.32 -28.38 1.16
C VAL A 322 11.80 -28.37 0.85
N GLY A 323 12.17 -27.89 -0.32
CA GLY A 323 13.57 -27.84 -0.70
C GLY A 323 13.96 -26.45 -1.12
N VAL A 324 15.23 -26.27 -1.50
CA VAL A 324 15.70 -24.97 -1.94
C VAL A 324 15.03 -24.67 -3.27
N GLY A 325 14.76 -23.39 -3.53
CA GLY A 325 14.09 -22.99 -4.74
C GLY A 325 14.84 -23.28 -6.03
N SER A 326 14.75 -24.52 -6.51
CA SER A 326 15.40 -24.94 -7.75
C SER A 326 16.74 -24.24 -7.96
N GLU A 327 17.07 -23.94 -9.21
CA GLU A 327 18.30 -23.25 -9.56
C GLU A 327 18.01 -21.87 -10.13
N GLN A 328 16.90 -21.77 -10.87
CA GLN A 328 16.50 -20.52 -11.48
C GLN A 328 16.21 -19.44 -10.43
N GLU A 329 15.65 -18.34 -11.06
CA GLU A 329 15.36 -17.26 -10.15
C GLU A 329 13.87 -17.17 -9.81
N GLY A 330 13.38 -18.15 -8.95
CA GLY A 330 11.99 -18.17 -8.55
C GLY A 330 11.89 -18.15 -7.04
N ALA A 331 10.87 -18.79 -6.49
CA ALA A 331 10.70 -18.84 -5.05
C ALA A 331 11.98 -19.34 -4.41
N LYS A 332 12.36 -18.77 -3.28
CA LYS A 332 13.57 -19.17 -2.59
C LYS A 332 13.49 -20.60 -2.09
N VAL A 333 12.30 -21.01 -1.66
CA VAL A 333 12.05 -22.36 -1.18
C VAL A 333 10.84 -22.88 -1.95
N GLU A 334 10.66 -24.19 -1.98
CA GLU A 334 9.53 -24.77 -2.71
C GLU A 334 8.91 -25.98 -1.99
N PHE A 335 7.59 -26.06 -2.01
CA PHE A 335 6.86 -27.16 -1.39
C PHE A 335 6.43 -28.14 -2.48
N SER A 336 6.81 -29.41 -2.34
CA SER A 336 6.44 -30.41 -3.33
C SER A 336 5.57 -31.52 -2.75
N PRO A 337 4.30 -31.59 -3.17
CA PRO A 337 3.34 -32.60 -2.70
C PRO A 337 3.77 -34.03 -3.01
N SER A 338 3.56 -34.93 -2.06
CA SER A 338 3.89 -36.33 -2.25
C SER A 338 2.58 -37.11 -2.13
N MET A 339 1.56 -36.41 -1.65
CA MET A 339 0.23 -37.01 -1.50
C MET A 339 -0.74 -35.90 -1.12
N ALA A 340 -2.03 -36.11 -1.43
CA ALA A 340 -3.04 -35.12 -1.13
C ALA A 340 -4.39 -35.78 -1.00
N GLY A 341 -5.35 -35.05 -0.42
CA GLY A 341 -6.69 -35.58 -0.25
C GLY A 341 -7.62 -34.49 0.26
N PHE A 342 -8.68 -34.89 0.92
CA PHE A 342 -9.67 -33.97 1.48
C PHE A 342 -9.62 -33.97 2.99
N LEU A 343 -9.70 -32.79 3.61
CA LEU A 343 -9.76 -32.68 5.06
C LEU A 343 -11.22 -33.00 5.42
N ASP A 344 -12.13 -32.60 4.54
CA ASP A 344 -13.55 -32.90 4.69
C ASP A 344 -14.16 -32.96 3.30
N TRP A 345 -14.82 -34.06 2.98
CA TRP A 345 -15.42 -34.25 1.67
C TRP A 345 -16.76 -33.55 1.45
N GLY A 346 -17.28 -32.90 2.48
CA GLY A 346 -18.57 -32.24 2.35
C GLY A 346 -18.59 -31.08 1.36
N PHE A 347 -19.66 -30.99 0.58
CA PHE A 347 -19.83 -29.92 -0.40
C PHE A 347 -19.70 -28.57 0.30
N SER A 348 -20.41 -28.46 1.42
CA SER A 348 -20.45 -27.23 2.22
C SER A 348 -19.32 -27.08 3.24
N ALA A 349 -18.37 -28.03 3.24
CA ALA A 349 -17.23 -27.98 4.17
C ALA A 349 -16.11 -27.20 3.48
N TYR A 350 -15.49 -26.25 4.19
CA TYR A 350 -14.45 -25.44 3.56
C TYR A 350 -13.74 -24.49 4.52
N ALA A 351 -12.77 -23.75 3.98
CA ALA A 351 -12.01 -22.73 4.70
C ALA A 351 -11.48 -23.06 6.08
N ALA A 352 -10.90 -24.24 6.25
CA ALA A 352 -10.36 -24.64 7.54
C ALA A 352 -9.34 -23.66 8.09
N ALA A 353 -9.43 -23.39 9.40
CA ALA A 353 -8.49 -22.52 10.07
C ALA A 353 -8.05 -23.25 11.34
N GLY A 354 -6.76 -23.54 11.44
CA GLY A 354 -6.26 -24.24 12.61
C GLY A 354 -5.17 -23.48 13.35
N LYS A 355 -4.64 -24.13 14.38
CA LYS A 355 -3.58 -23.52 15.17
C LYS A 355 -2.91 -24.56 16.04
N VAL A 356 -1.64 -24.30 16.36
CA VAL A 356 -0.90 -25.21 17.22
C VAL A 356 -1.47 -24.99 18.62
N LEU A 357 -1.82 -26.08 19.30
CA LEU A 357 -2.35 -26.00 20.66
C LEU A 357 -1.26 -26.62 21.52
N PRO A 358 -0.44 -25.77 22.16
CA PRO A 358 0.67 -26.17 23.01
C PRO A 358 0.28 -27.06 24.19
N ALA A 359 1.20 -27.93 24.60
CA ALA A 359 0.96 -28.80 25.73
C ALA A 359 1.01 -27.90 26.96
N SER A 360 1.50 -26.68 26.77
CA SER A 360 1.62 -25.73 27.85
C SER A 360 0.31 -24.95 28.02
N SER A 361 -0.65 -25.18 27.16
CA SER A 361 -1.93 -24.48 27.24
C SER A 361 -2.74 -25.00 28.44
N ALA A 362 -3.69 -24.19 28.89
CA ALA A 362 -4.53 -24.58 30.02
C ALA A 362 -5.37 -25.79 29.62
N VAL A 363 -5.75 -25.82 28.33
CA VAL A 363 -6.56 -26.92 27.82
C VAL A 363 -5.82 -28.24 27.99
N SER A 364 -4.60 -28.31 27.45
CA SER A 364 -3.79 -29.51 27.53
C SER A 364 -3.37 -29.89 28.95
N LYS A 365 -3.02 -28.90 29.77
CA LYS A 365 -2.62 -29.16 31.15
C LYS A 365 -3.76 -29.88 31.88
N THR A 366 -4.97 -29.37 31.69
CA THR A 366 -6.15 -29.95 32.32
C THR A 366 -6.36 -31.40 31.87
N SER A 367 -6.47 -31.60 30.56
CA SER A 367 -6.71 -32.95 30.04
C SER A 367 -5.45 -33.82 30.13
N GLY A 368 -4.36 -33.25 30.61
CA GLY A 368 -3.13 -34.01 30.76
C GLY A 368 -2.43 -34.44 29.48
N VAL A 369 -2.48 -33.62 28.43
CA VAL A 369 -1.81 -33.93 27.17
C VAL A 369 -0.36 -33.47 27.26
N GLU A 370 0.58 -34.35 26.88
CA GLU A 370 2.00 -34.02 26.98
C GLU A 370 2.67 -33.53 25.70
N VAL A 371 1.96 -33.52 24.59
CA VAL A 371 2.55 -33.05 23.34
C VAL A 371 1.77 -31.89 22.74
N ASP A 372 2.40 -31.18 21.83
CA ASP A 372 1.75 -30.06 21.16
C ASP A 372 0.90 -30.69 20.07
N ARG A 373 -0.26 -30.09 19.83
CA ARG A 373 -1.17 -30.61 18.82
C ARG A 373 -1.52 -29.52 17.82
N TYR A 374 -2.15 -29.91 16.72
CA TYR A 374 -2.61 -28.95 15.74
C TYR A 374 -4.11 -29.19 15.66
N VAL A 375 -4.89 -28.19 16.05
CA VAL A 375 -6.34 -28.30 16.03
C VAL A 375 -6.89 -27.48 14.88
N SER A 376 -7.70 -28.11 14.03
CA SER A 376 -8.29 -27.44 12.86
C SER A 376 -9.80 -27.30 12.96
N PHE A 377 -10.31 -26.10 12.64
CA PHE A 377 -11.74 -25.82 12.68
C PHE A 377 -12.22 -25.64 11.24
N VAL A 378 -13.11 -26.53 10.81
CA VAL A 378 -13.65 -26.48 9.45
C VAL A 378 -14.99 -25.73 9.39
N TRP A 379 -15.13 -24.88 8.37
CA TRP A 379 -16.35 -24.11 8.19
C TRP A 379 -17.41 -24.93 7.48
N LEU A 380 -18.66 -24.78 7.91
CA LEU A 380 -19.78 -25.45 7.27
C LEU A 380 -20.72 -24.33 6.85
N THR A 381 -20.58 -23.85 5.62
CA THR A 381 -21.43 -22.76 5.14
C THR A 381 -22.90 -23.18 5.30
N GLY A 382 -23.74 -22.24 5.72
CA GLY A 382 -25.14 -22.57 5.93
C GLY A 382 -26.03 -22.47 4.70
N ASP A 383 -25.54 -21.76 3.68
CA ASP A 383 -26.35 -21.53 2.49
C ASP A 383 -25.61 -21.77 1.18
N GLN A 384 -24.88 -22.87 1.11
CA GLN A 384 -24.13 -23.22 -0.08
C GLN A 384 -23.32 -22.03 -0.59
N TYR A 385 -22.58 -21.40 0.32
CA TYR A 385 -21.73 -20.27 -0.06
C TYR A 385 -22.55 -19.14 -0.70
N GLU A 386 -23.73 -18.91 -0.14
CA GLU A 386 -24.63 -17.88 -0.63
C GLU A 386 -25.18 -18.13 -2.04
N GLN A 387 -25.27 -19.39 -2.43
CA GLN A 387 -25.81 -19.73 -3.75
C GLN A 387 -27.09 -20.54 -3.60
N ALA A 388 -27.60 -20.63 -2.37
CA ALA A 388 -28.82 -21.37 -2.07
C ALA A 388 -30.03 -20.78 -2.78
N ASP A 389 -30.94 -21.65 -3.22
CA ASP A 389 -32.15 -21.21 -3.91
C ASP A 389 -33.19 -20.74 -2.89
N GLY A 390 -32.96 -19.55 -2.35
CA GLY A 390 -33.88 -18.97 -1.38
C GLY A 390 -34.06 -19.69 -0.05
N PHE A 391 -32.96 -19.99 0.64
CA PHE A 391 -33.05 -20.65 1.95
C PHE A 391 -33.80 -19.69 2.88
N PRO A 392 -34.62 -20.23 3.79
CA PRO A 392 -35.38 -19.38 4.73
C PRO A 392 -34.50 -18.79 5.83
N THR A 393 -33.55 -17.95 5.45
CA THR A 393 -32.62 -17.32 6.38
C THR A 393 -33.25 -16.43 7.45
N ALA A 394 -34.20 -15.58 7.06
CA ALA A 394 -34.85 -14.70 8.03
C ALA A 394 -35.59 -15.54 9.06
N GLN A 395 -36.24 -16.61 8.61
CA GLN A 395 -36.97 -17.50 9.50
C GLN A 395 -36.04 -18.21 10.51
N GLN A 396 -34.86 -18.59 10.05
CA GLN A 396 -33.93 -19.28 10.94
C GLN A 396 -33.23 -18.32 11.91
N GLY A 397 -32.96 -17.10 11.45
CA GLY A 397 -32.29 -16.13 12.30
C GLY A 397 -30.80 -16.35 12.51
N TRP A 398 -30.24 -17.34 11.80
CA TRP A 398 -28.82 -17.65 11.91
C TRP A 398 -28.42 -18.44 10.66
N THR A 399 -27.12 -18.44 10.35
CA THR A 399 -26.62 -19.13 9.15
C THR A 399 -25.21 -19.68 9.39
N GLY A 400 -25.02 -20.96 9.10
CA GLY A 400 -23.69 -21.55 9.24
C GLY A 400 -23.24 -22.04 10.61
N SER A 401 -22.15 -22.79 10.60
CA SER A 401 -21.57 -23.32 11.83
C SER A 401 -20.18 -23.86 11.54
N LEU A 402 -19.36 -23.97 12.57
CA LEU A 402 -18.05 -24.57 12.37
C LEU A 402 -18.27 -26.03 12.74
N LEU A 403 -17.42 -26.91 12.26
CA LEU A 403 -17.53 -28.32 12.59
C LEU A 403 -16.74 -28.56 13.86
N LEU A 404 -16.82 -29.77 14.41
CA LEU A 404 -16.08 -30.07 15.63
C LEU A 404 -14.57 -29.88 15.45
N PRO A 405 -13.90 -29.37 16.48
CA PRO A 405 -12.45 -29.15 16.40
C PRO A 405 -11.85 -30.52 16.14
N ARG A 406 -10.88 -30.60 15.22
CA ARG A 406 -10.28 -31.87 14.87
C ARG A 406 -8.76 -31.87 15.02
N GLU A 407 -8.23 -32.96 15.55
CA GLU A 407 -6.80 -33.12 15.73
C GLU A 407 -6.17 -33.63 14.45
N LEU A 408 -5.13 -32.96 14.00
CA LEU A 408 -4.46 -33.34 12.77
C LEU A 408 -3.06 -33.83 13.10
N LYS A 409 -2.74 -35.03 12.63
CA LYS A 409 -1.41 -35.60 12.86
C LYS A 409 -1.11 -36.57 11.73
N VAL A 410 0.05 -37.21 11.81
CA VAL A 410 0.41 -38.17 10.79
C VAL A 410 -0.24 -39.47 11.26
N GLN A 411 -1.05 -40.09 10.40
CA GLN A 411 -1.70 -41.34 10.75
C GLN A 411 -1.00 -42.49 10.04
N THR A 412 -0.87 -43.61 10.75
CA THR A 412 -0.23 -44.77 10.19
C THR A 412 -1.18 -45.96 10.07
N VAL A 413 -1.10 -46.65 8.94
CA VAL A 413 -1.92 -47.84 8.71
C VAL A 413 -0.93 -48.99 8.58
N GLU A 414 -0.88 -49.82 9.62
CA GLU A 414 0.05 -50.95 9.68
C GLU A 414 -0.51 -52.28 9.20
N ASN A 415 0.39 -53.16 8.80
CA ASN A 415 0.03 -54.51 8.35
C ASN A 415 -0.79 -54.49 7.07
N VAL A 416 -0.47 -53.58 6.16
CA VAL A 416 -1.21 -53.47 4.91
C VAL A 416 -0.53 -54.24 3.79
N VAL A 417 -1.30 -55.08 3.11
CA VAL A 417 -0.76 -55.87 2.01
C VAL A 417 -0.31 -54.94 0.90
N ASP A 418 1.00 -54.96 0.63
CA ASP A 418 1.58 -54.10 -0.40
C ASP A 418 1.18 -54.57 -1.79
N ASN A 419 0.01 -54.16 -2.25
CA ASN A 419 -0.45 -54.55 -3.58
C ASN A 419 -0.90 -53.33 -4.39
N GLU A 420 -1.63 -53.58 -5.47
CA GLU A 420 -2.11 -52.52 -6.34
C GLU A 420 -2.96 -51.46 -5.62
N LEU A 421 -3.71 -51.88 -4.61
CA LEU A 421 -4.54 -50.93 -3.86
C LEU A 421 -3.69 -49.87 -3.17
N VAL A 422 -2.45 -50.23 -2.85
CA VAL A 422 -1.52 -49.33 -2.17
C VAL A 422 -0.64 -48.52 -3.13
N ARG A 423 -0.32 -49.10 -4.29
CA ARG A 423 0.56 -48.45 -5.24
C ARG A 423 -0.07 -47.60 -6.34
N GLU A 424 -1.37 -47.33 -6.25
CA GLU A 424 -2.03 -46.52 -7.26
C GLU A 424 -1.38 -45.13 -7.30
N GLU A 425 -1.47 -44.46 -8.44
CA GLU A 425 -0.86 -43.13 -8.57
C GLU A 425 -1.82 -41.98 -8.25
N GLY A 426 -1.25 -40.89 -7.74
CA GLY A 426 -2.05 -39.73 -7.38
C GLY A 426 -3.01 -40.09 -6.27
N VAL A 427 -2.46 -40.62 -5.19
CA VAL A 427 -3.26 -41.07 -4.07
C VAL A 427 -3.12 -40.24 -2.77
N SER A 428 -3.89 -40.59 -1.75
CA SER A 428 -3.87 -39.85 -0.48
C SER A 428 -2.98 -40.42 0.60
N TRP A 429 -1.98 -41.20 0.21
CA TRP A 429 -1.08 -41.81 1.17
C TRP A 429 0.24 -42.17 0.52
N VAL A 430 1.22 -42.51 1.35
CA VAL A 430 2.54 -42.91 0.88
C VAL A 430 3.00 -44.08 1.73
N VAL A 431 3.83 -44.95 1.16
CA VAL A 431 4.33 -46.11 1.89
C VAL A 431 5.47 -45.65 2.79
N GLY A 432 5.29 -45.85 4.10
CA GLY A 432 6.32 -45.45 5.05
C GLY A 432 7.38 -46.52 5.22
N GLU A 433 7.04 -47.76 4.87
CA GLU A 433 7.96 -48.89 4.99
C GLU A 433 7.31 -50.13 4.40
N SER A 434 8.13 -51.04 3.86
CA SER A 434 7.60 -52.26 3.26
C SER A 434 8.66 -53.31 2.96
N ASP A 435 8.23 -54.57 2.89
CA ASP A 435 9.12 -55.69 2.59
C ASP A 435 8.51 -56.47 1.42
N ASN A 436 7.65 -55.80 0.65
CA ASN A 436 6.98 -56.40 -0.49
C ASN A 436 5.90 -57.38 -0.06
N GLN A 437 5.79 -57.58 1.25
CA GLN A 437 4.77 -58.47 1.81
C GLN A 437 3.71 -57.59 2.47
N THR A 438 4.09 -56.88 3.52
CA THR A 438 3.18 -55.96 4.21
C THR A 438 3.89 -54.62 4.33
N ALA A 439 3.12 -53.56 4.45
CA ALA A 439 3.69 -52.23 4.57
C ALA A 439 2.95 -51.36 5.56
N THR A 440 3.55 -50.22 5.86
CA THR A 440 2.96 -49.25 6.77
C THR A 440 2.72 -47.99 5.94
N LEU A 441 1.46 -47.59 5.86
CA LEU A 441 1.08 -46.40 5.10
C LEU A 441 1.12 -45.18 6.00
N ARG A 442 1.34 -44.01 5.39
CA ARG A 442 1.36 -42.75 6.11
C ARG A 442 0.38 -41.81 5.39
N THR A 443 -0.46 -41.15 6.17
CA THR A 443 -1.47 -40.24 5.62
C THR A 443 -1.86 -39.21 6.66
N LEU A 444 -2.74 -38.29 6.29
CA LEU A 444 -3.19 -37.27 7.22
C LEU A 444 -4.16 -37.94 8.21
N GLY A 445 -3.93 -37.77 9.50
CA GLY A 445 -4.81 -38.35 10.49
C GLY A 445 -5.84 -37.32 10.95
N ILE A 446 -7.12 -37.66 10.86
CA ILE A 446 -8.18 -36.74 11.26
C ILE A 446 -9.08 -37.33 12.34
N THR A 447 -8.99 -36.78 13.55
CA THR A 447 -9.83 -37.26 14.65
C THR A 447 -10.50 -36.09 15.37
N ILE A 448 -11.55 -36.39 16.12
CA ILE A 448 -12.23 -35.34 16.87
C ILE A 448 -11.29 -34.96 18.02
N ALA A 449 -11.15 -33.67 18.31
CA ALA A 449 -10.29 -33.26 19.41
C ALA A 449 -10.75 -34.09 20.61
N ARG A 450 -9.81 -34.81 21.23
CA ARG A 450 -10.13 -35.70 22.35
C ARG A 450 -11.02 -35.15 23.45
N GLU A 451 -10.84 -33.88 23.82
CA GLU A 451 -11.66 -33.29 24.88
C GLU A 451 -13.08 -33.08 24.38
N THR A 452 -13.22 -32.83 23.09
CA THR A 452 -14.54 -32.63 22.54
C THR A 452 -15.24 -33.98 22.43
N LYS A 453 -14.50 -35.00 22.00
CA LYS A 453 -15.08 -36.33 21.87
C LYS A 453 -15.54 -36.79 23.25
N ALA A 454 -14.69 -36.61 24.26
CA ALA A 454 -15.02 -37.01 25.61
C ALA A 454 -16.25 -36.27 26.10
N ALA A 455 -16.31 -34.96 25.82
CA ALA A 455 -17.46 -34.18 26.25
C ALA A 455 -18.74 -34.66 25.56
N LEU A 456 -18.64 -35.03 24.28
CA LEU A 456 -19.81 -35.51 23.55
C LEU A 456 -20.37 -36.79 24.18
N LEU A 457 -19.49 -37.61 24.75
CA LEU A 457 -19.89 -38.88 25.37
C LEU A 457 -20.08 -38.85 26.88
N ALA A 458 -19.43 -37.88 27.53
CA ALA A 458 -19.48 -37.74 28.98
C ALA A 458 -20.81 -38.05 29.69
N ASN A 459 -21.85 -37.28 29.38
CA ASN A 459 -23.14 -37.49 30.04
C ASN A 459 -24.24 -38.06 29.13
N GLY A 460 -23.84 -38.80 28.10
CA GLY A 460 -24.82 -39.36 27.19
C GLY A 460 -25.31 -40.74 27.58
N SER A 461 -26.54 -41.05 27.17
CA SER A 461 -27.12 -42.35 27.46
C SER A 461 -26.59 -43.34 26.42
N VAL A 462 -26.12 -44.50 26.87
CA VAL A 462 -25.56 -45.49 25.96
C VAL A 462 -26.51 -46.65 25.67
N THR A 463 -26.63 -46.98 24.38
CA THR A 463 -27.48 -48.08 23.95
C THR A 463 -26.78 -48.85 22.85
N ALA A 464 -26.41 -50.09 23.14
CA ALA A 464 -25.72 -50.92 22.17
C ALA A 464 -26.70 -51.79 21.39
N GLU A 465 -26.26 -52.25 20.23
CA GLU A 465 -27.07 -53.13 19.37
C GLU A 465 -26.29 -54.42 19.16
N GLU A 466 -27.00 -55.53 19.04
CA GLU A 466 -26.37 -56.83 18.85
C GLU A 466 -25.63 -56.95 17.52
N ASP A 467 -24.50 -57.65 17.53
CA ASP A 467 -23.73 -57.89 16.31
C ASP A 467 -24.71 -58.49 15.32
N ARG A 468 -24.61 -58.11 14.05
CA ARG A 468 -25.52 -58.62 13.04
C ARG A 468 -24.84 -58.79 11.69
N THR A 469 -25.27 -59.79 10.93
CA THR A 469 -24.71 -60.05 9.61
C THR A 469 -25.83 -60.06 8.57
N LEU A 470 -25.86 -59.05 7.71
CA LEU A 470 -26.93 -58.93 6.72
C LEU A 470 -26.46 -59.49 5.38
N GLN A 471 -27.28 -60.35 4.77
CA GLN A 471 -26.86 -60.96 3.51
C GLN A 471 -27.89 -60.64 2.43
N THR A 472 -29.15 -60.83 2.64
CA THR A 472 -30.13 -60.32 1.71
C THR A 472 -30.32 -58.82 1.95
N ALA A 473 -30.94 -58.18 0.98
CA ALA A 473 -31.28 -56.78 1.10
C ALA A 473 -32.22 -56.58 2.28
N ALA A 474 -31.93 -55.58 3.11
CA ALA A 474 -32.77 -55.34 4.26
C ALA A 474 -32.55 -53.99 4.93
N VAL A 475 -33.59 -53.54 5.64
CA VAL A 475 -33.59 -52.31 6.40
C VAL A 475 -34.16 -52.78 7.74
N VAL A 476 -33.29 -52.90 8.74
CA VAL A 476 -33.72 -53.38 10.05
C VAL A 476 -33.60 -52.30 11.11
N PRO A 477 -34.74 -51.94 11.74
CA PRO A 477 -34.67 -50.91 12.77
C PRO A 477 -33.88 -51.37 13.98
N PHE A 478 -33.25 -50.42 14.65
CA PHE A 478 -32.49 -50.72 15.85
C PHE A 478 -33.49 -51.21 16.89
N ALA A 479 -33.04 -52.04 17.83
CA ALA A 479 -33.91 -52.54 18.86
C ALA A 479 -34.47 -51.37 19.66
N GLN A 480 -33.69 -50.29 19.74
CA GLN A 480 -34.07 -49.11 20.48
C GLN A 480 -33.37 -47.92 19.82
N SER A 481 -34.14 -46.95 19.34
CA SER A 481 -33.58 -45.77 18.69
C SER A 481 -33.62 -44.56 19.62
N PRO A 482 -32.70 -43.59 19.42
CA PRO A 482 -32.70 -42.41 20.29
C PRO A 482 -34.03 -41.66 20.16
N SER A 483 -34.31 -40.76 21.10
CA SER A 483 -35.57 -40.02 21.03
C SER A 483 -35.36 -38.55 20.65
N SER A 484 -34.12 -38.21 20.29
CA SER A 484 -33.79 -36.84 19.92
C SER A 484 -32.78 -36.89 18.79
N LYS A 485 -32.46 -35.73 18.23
CA LYS A 485 -31.53 -35.66 17.12
C LYS A 485 -30.12 -35.25 17.55
N PHE A 486 -29.75 -35.62 18.78
CA PHE A 486 -28.44 -35.33 19.35
C PHE A 486 -27.82 -36.63 19.86
N PHE A 487 -26.95 -37.24 19.04
CA PHE A 487 -26.35 -38.50 19.44
C PHE A 487 -25.10 -38.78 18.64
N VAL A 488 -24.37 -39.79 19.07
CA VAL A 488 -23.16 -40.20 18.40
C VAL A 488 -23.33 -41.69 18.12
N LEU A 489 -23.22 -42.06 16.85
CA LEU A 489 -23.36 -43.45 16.43
C LEU A 489 -22.00 -43.99 16.05
N THR A 490 -21.62 -45.13 16.61
CA THR A 490 -20.35 -45.75 16.29
C THR A 490 -20.63 -47.16 15.80
N ALA A 491 -19.82 -47.61 14.85
CA ALA A 491 -20.02 -48.95 14.32
C ALA A 491 -18.82 -49.40 13.51
N GLN A 492 -18.74 -50.71 13.32
CA GLN A 492 -17.67 -51.31 12.54
C GLN A 492 -18.31 -52.25 11.55
N LEU A 493 -17.94 -52.08 10.28
CA LEU A 493 -18.47 -52.94 9.25
C LEU A 493 -17.34 -53.76 8.65
N GLU A 494 -17.55 -55.07 8.60
CA GLU A 494 -16.56 -55.99 8.04
C GLU A 494 -17.09 -56.57 6.73
N PHE A 495 -16.30 -56.43 5.67
CA PHE A 495 -16.68 -56.93 4.35
C PHE A 495 -15.75 -58.03 3.87
N PRO A 496 -16.26 -58.92 3.01
CA PRO A 496 -15.42 -60.01 2.48
C PRO A 496 -14.75 -59.47 1.21
N ALA A 497 -13.57 -59.98 0.88
CA ALA A 497 -12.86 -59.53 -0.32
C ALA A 497 -13.74 -59.54 -1.57
N SER A 498 -14.63 -60.52 -1.67
CA SER A 498 -15.52 -60.65 -2.82
C SER A 498 -16.38 -59.39 -3.01
N ALA A 499 -16.58 -58.65 -1.92
CA ALA A 499 -17.39 -57.44 -1.98
C ALA A 499 -16.76 -56.30 -2.77
N ARG A 500 -15.46 -56.36 -3.04
CA ARG A 500 -14.81 -55.28 -3.79
C ARG A 500 -15.37 -55.09 -5.19
N SER A 501 -15.74 -56.19 -5.84
CA SER A 501 -16.28 -56.12 -7.20
C SER A 501 -17.80 -56.07 -7.22
N SER A 502 -18.42 -56.15 -6.05
CA SER A 502 -19.88 -56.16 -5.95
C SER A 502 -20.52 -54.77 -5.89
N PRO A 503 -21.79 -54.67 -6.27
CA PRO A 503 -22.52 -53.40 -6.25
C PRO A 503 -22.99 -53.13 -4.83
N LEU A 504 -22.27 -53.69 -3.86
CA LEU A 504 -22.62 -53.55 -2.45
C LEU A 504 -22.74 -52.12 -1.93
N GLN A 505 -23.71 -51.94 -1.04
CA GLN A 505 -23.99 -50.66 -0.39
C GLN A 505 -24.48 -51.09 1.00
N SER A 506 -23.71 -50.75 2.03
CA SER A 506 -24.07 -51.12 3.40
C SER A 506 -23.87 -49.97 4.37
N GLY A 507 -24.79 -49.81 5.31
CA GLY A 507 -24.67 -48.73 6.27
C GLY A 507 -25.86 -48.60 7.20
N PHE A 508 -26.31 -47.37 7.39
CA PHE A 508 -27.45 -47.08 8.25
C PHE A 508 -28.35 -46.00 7.67
N GLU A 509 -29.56 -45.95 8.20
CA GLU A 509 -30.53 -44.94 7.85
C GLU A 509 -30.69 -44.24 9.19
N ILE A 510 -30.56 -42.93 9.20
CA ILE A 510 -30.70 -42.18 10.44
C ILE A 510 -31.74 -41.09 10.29
N LEU A 511 -32.06 -40.43 11.42
CA LEU A 511 -33.04 -39.35 11.44
C LEU A 511 -34.26 -39.79 10.63
N ALA A 512 -34.70 -41.02 10.86
CA ALA A 512 -35.81 -41.58 10.10
C ALA A 512 -37.16 -41.74 10.81
N SER A 513 -38.20 -41.66 9.99
CA SER A 513 -39.58 -41.82 10.41
C SER A 513 -40.24 -42.28 9.12
N GLU A 514 -41.56 -42.36 9.10
CA GLU A 514 -42.25 -42.79 7.90
C GLU A 514 -41.94 -41.90 6.71
N LEU A 515 -42.05 -40.59 6.91
CA LEU A 515 -41.85 -39.63 5.83
C LEU A 515 -40.44 -39.08 5.60
N GLU A 516 -39.47 -39.49 6.41
CA GLU A 516 -38.11 -38.97 6.24
C GLU A 516 -37.04 -39.96 6.64
N ARG A 517 -35.85 -39.77 6.08
CA ARG A 517 -34.71 -40.60 6.41
C ARG A 517 -33.47 -40.12 5.66
N THR A 518 -32.32 -40.35 6.27
CA THR A 518 -31.02 -39.99 5.70
C THR A 518 -30.19 -41.26 5.71
N ALA A 519 -29.67 -41.63 4.54
CA ALA A 519 -28.87 -42.84 4.41
C ALA A 519 -27.38 -42.56 4.37
N ILE A 520 -26.63 -43.32 5.15
CA ILE A 520 -25.18 -43.20 5.23
C ILE A 520 -24.66 -44.61 4.99
N TYR A 521 -23.96 -44.83 3.88
CA TYR A 521 -23.48 -46.17 3.56
C TYR A 521 -22.18 -46.21 2.78
N TYR A 522 -21.52 -47.35 2.84
CA TYR A 522 -20.29 -47.52 2.10
C TYR A 522 -20.65 -48.19 0.79
N GLN A 523 -19.92 -47.81 -0.26
CA GLN A 523 -20.17 -48.31 -1.60
C GLN A 523 -18.84 -48.73 -2.24
N PHE A 524 -18.72 -50.02 -2.57
CA PHE A 524 -17.48 -50.51 -3.18
C PHE A 524 -17.32 -50.14 -4.64
N SER A 525 -18.45 -49.91 -5.33
CA SER A 525 -18.40 -49.53 -6.74
C SER A 525 -17.35 -48.44 -6.95
N ASN A 526 -17.45 -47.36 -6.17
CA ASN A 526 -16.47 -46.28 -6.28
C ASN A 526 -15.75 -46.03 -4.96
N GLU A 527 -15.73 -47.06 -4.10
CA GLU A 527 -15.07 -46.98 -2.81
C GLU A 527 -15.39 -45.66 -2.10
N SER A 528 -16.65 -45.44 -1.74
CA SER A 528 -17.02 -44.19 -1.10
C SER A 528 -18.05 -44.30 0.01
N LEU A 529 -17.94 -43.38 0.97
CA LEU A 529 -18.90 -43.29 2.05
C LEU A 529 -19.88 -42.28 1.46
N VAL A 530 -21.15 -42.64 1.47
CA VAL A 530 -22.17 -41.81 0.88
C VAL A 530 -23.24 -41.35 1.84
N VAL A 531 -23.71 -40.12 1.65
CA VAL A 531 -24.80 -39.60 2.46
C VAL A 531 -25.90 -39.19 1.48
N ASP A 532 -26.90 -40.04 1.36
CA ASP A 532 -28.05 -39.83 0.48
C ASP A 532 -29.08 -39.01 1.24
N ARG A 533 -29.34 -37.79 0.78
CA ARG A 533 -30.30 -36.92 1.46
C ARG A 533 -31.56 -36.68 0.64
N SER A 534 -31.81 -37.57 -0.32
CA SER A 534 -32.97 -37.45 -1.18
C SER A 534 -34.29 -37.50 -0.40
N GLN A 535 -34.27 -38.11 0.78
CA GLN A 535 -35.47 -38.22 1.60
C GLN A 535 -35.28 -37.60 2.97
N THR A 536 -34.19 -36.86 3.14
CA THR A 536 -33.87 -36.26 4.42
C THR A 536 -34.93 -35.34 5.01
N SER A 537 -35.42 -34.38 4.22
CA SER A 537 -36.41 -33.43 4.73
C SER A 537 -37.74 -33.38 4.01
N ALA A 538 -38.82 -33.62 4.76
CA ALA A 538 -40.16 -33.59 4.21
C ALA A 538 -40.46 -32.19 3.67
N ALA A 539 -39.67 -31.21 4.10
CA ALA A 539 -39.84 -29.83 3.67
C ALA A 539 -39.07 -29.45 2.40
N ALA A 540 -38.06 -30.24 2.07
CA ALA A 540 -37.22 -29.95 0.90
C ALA A 540 -37.92 -29.88 -0.47
N PRO A 541 -38.93 -30.74 -0.71
CA PRO A 541 -39.62 -30.74 -1.99
C PRO A 541 -40.15 -29.38 -2.47
N THR A 542 -40.76 -28.62 -1.56
CA THR A 542 -41.30 -27.30 -1.93
C THR A 542 -40.39 -26.15 -1.47
N ASN A 543 -39.24 -26.49 -0.92
CA ASN A 543 -38.27 -25.48 -0.46
C ASN A 543 -36.89 -25.87 -0.98
N PRO A 544 -36.62 -25.55 -2.27
CA PRO A 544 -35.34 -25.85 -2.91
C PRO A 544 -34.13 -25.30 -2.18
N GLY A 545 -34.38 -24.37 -1.26
CA GLY A 545 -33.30 -23.80 -0.48
C GLY A 545 -32.61 -24.87 0.34
N LEU A 546 -33.35 -25.89 0.74
CA LEU A 546 -32.81 -27.01 1.52
C LEU A 546 -32.20 -28.00 0.54
N ASP A 547 -30.90 -27.89 0.31
CA ASP A 547 -30.24 -28.78 -0.65
C ASP A 547 -30.41 -30.24 -0.24
N SER A 548 -30.64 -31.09 -1.22
CA SER A 548 -30.86 -32.51 -0.97
C SER A 548 -29.98 -33.41 -1.83
N PHE A 549 -28.97 -32.83 -2.47
CA PHE A 549 -28.10 -33.62 -3.31
C PHE A 549 -27.24 -34.57 -2.47
N THR A 550 -26.81 -35.63 -3.11
CA THR A 550 -26.00 -36.65 -2.47
C THR A 550 -24.60 -36.13 -2.15
N GLU A 551 -24.11 -36.46 -0.97
CA GLU A 551 -22.77 -36.07 -0.54
C GLU A 551 -21.98 -37.37 -0.48
N SER A 552 -20.70 -37.32 -0.83
CA SER A 552 -19.89 -38.55 -0.76
C SER A 552 -18.41 -38.23 -0.66
N GLY A 553 -17.66 -39.22 -0.18
CA GLY A 553 -16.23 -39.05 -0.04
C GLY A 553 -15.56 -40.39 -0.29
N LYS A 554 -14.37 -40.35 -0.88
CA LYS A 554 -13.61 -41.56 -1.18
C LYS A 554 -12.91 -42.10 0.05
N LEU A 555 -13.03 -43.41 0.25
CA LEU A 555 -12.39 -44.09 1.37
C LEU A 555 -12.01 -45.49 0.92
N ARG A 556 -10.72 -45.76 0.86
CA ARG A 556 -10.28 -47.08 0.46
C ARG A 556 -9.95 -47.95 1.67
N LEU A 557 -10.53 -49.14 1.69
CA LEU A 557 -10.30 -50.10 2.75
C LEU A 557 -9.27 -51.06 2.14
N PHE A 558 -8.05 -51.02 2.67
CA PHE A 558 -6.96 -51.86 2.15
C PHE A 558 -7.03 -53.32 2.58
N ASP A 559 -6.20 -54.15 1.94
CA ASP A 559 -6.13 -55.57 2.29
C ASP A 559 -5.10 -55.60 3.41
N VAL A 560 -5.51 -56.12 4.56
CA VAL A 560 -4.62 -56.17 5.71
C VAL A 560 -4.53 -57.56 6.33
N ILE A 561 -3.50 -57.77 7.13
CA ILE A 561 -3.31 -59.04 7.82
C ILE A 561 -3.49 -58.72 9.29
N GLU A 562 -4.58 -59.23 9.87
CA GLU A 562 -4.89 -58.96 11.27
C GLU A 562 -4.51 -60.09 12.22
N ASN A 563 -4.46 -61.31 11.70
CA ASN A 563 -4.08 -62.47 12.49
C ASN A 563 -3.50 -63.52 11.56
N GLY A 564 -2.37 -63.21 10.95
CA GLY A 564 -1.75 -64.13 10.02
C GLY A 564 -2.70 -64.40 8.87
N GLN A 565 -3.87 -63.79 8.92
CA GLN A 565 -4.89 -63.95 7.89
C GLN A 565 -5.24 -62.61 7.27
N GLU A 566 -5.36 -62.60 5.94
CA GLU A 566 -5.68 -61.40 5.19
C GLU A 566 -7.17 -61.11 5.20
N GLN A 567 -7.53 -59.84 5.28
CA GLN A 567 -8.93 -59.44 5.29
C GLN A 567 -9.06 -58.00 4.79
N VAL A 568 -10.29 -57.59 4.51
CA VAL A 568 -10.56 -56.25 4.06
C VAL A 568 -10.58 -55.41 5.33
N GLU A 569 -9.78 -54.35 5.37
CA GLU A 569 -9.73 -53.47 6.53
C GLU A 569 -11.13 -53.13 7.04
N THR A 570 -11.29 -53.16 8.36
CA THR A 570 -12.60 -52.85 8.97
C THR A 570 -12.97 -51.39 8.76
N LEU A 571 -14.22 -51.15 8.41
CA LEU A 571 -14.70 -49.78 8.23
C LEU A 571 -15.11 -49.34 9.64
N ASP A 572 -14.33 -48.45 10.23
CA ASP A 572 -14.63 -47.97 11.57
C ASP A 572 -15.36 -46.63 11.52
N LEU A 573 -16.67 -46.67 11.75
CA LEU A 573 -17.52 -45.48 11.68
C LEU A 573 -17.87 -44.77 12.98
N THR A 574 -17.82 -43.44 12.93
CA THR A 574 -18.19 -42.58 14.05
C THR A 574 -19.04 -41.47 13.43
N VAL A 575 -20.34 -41.51 13.69
CA VAL A 575 -21.23 -40.51 13.13
C VAL A 575 -21.79 -39.58 14.20
N VAL A 576 -21.41 -38.32 14.15
CA VAL A 576 -21.90 -37.35 15.12
C VAL A 576 -23.06 -36.56 14.54
N VAL A 577 -24.21 -36.63 15.20
CA VAL A 577 -25.39 -35.92 14.75
C VAL A 577 -25.77 -34.87 15.79
N ASP A 578 -25.44 -33.62 15.46
CA ASP A 578 -25.51 -32.45 16.33
C ASP A 578 -26.63 -31.59 15.80
N ASN A 579 -27.84 -32.01 15.78
CA ASN A 579 -29.03 -31.60 15.06
C ASN A 579 -28.83 -31.79 13.58
N ALA A 580 -29.11 -30.83 12.75
CA ALA A 580 -28.99 -30.83 11.31
C ALA A 580 -27.51 -30.93 10.99
N VAL A 581 -26.61 -30.75 11.95
CA VAL A 581 -25.20 -30.86 11.56
C VAL A 581 -24.79 -32.33 11.70
N VAL A 582 -24.41 -32.94 10.58
CA VAL A 582 -24.01 -34.34 10.54
C VAL A 582 -22.54 -34.50 10.10
N GLU A 583 -21.72 -35.11 10.95
CA GLU A 583 -20.30 -35.32 10.64
C GLU A 583 -19.96 -36.82 10.65
N VAL A 584 -19.58 -37.34 9.48
CA VAL A 584 -19.25 -38.75 9.34
C VAL A 584 -17.73 -38.97 9.39
N TYR A 585 -17.24 -39.65 10.42
CA TYR A 585 -15.81 -39.91 10.56
C TYR A 585 -15.54 -41.38 10.33
N ALA A 586 -14.37 -41.70 9.78
CA ALA A 586 -14.01 -43.10 9.54
C ALA A 586 -12.50 -43.36 9.59
N ASN A 587 -12.14 -44.47 10.23
CA ASN A 587 -10.75 -44.91 10.36
C ASN A 587 -9.72 -43.83 10.72
N GLY A 588 -10.15 -42.79 11.43
CA GLY A 588 -9.24 -41.73 11.81
C GLY A 588 -8.53 -41.02 10.66
N ARG A 589 -9.04 -41.14 9.43
CA ARG A 589 -8.40 -40.50 8.29
C ARG A 589 -9.40 -39.97 7.27
N PHE A 590 -10.66 -39.91 7.67
CA PHE A 590 -11.72 -39.47 6.77
C PHE A 590 -12.81 -38.68 7.49
N ALA A 591 -13.30 -37.63 6.83
CA ALA A 591 -14.38 -36.81 7.37
C ALA A 591 -15.30 -36.35 6.24
N LEU A 592 -16.60 -36.46 6.44
CA LEU A 592 -17.59 -36.00 5.47
C LEU A 592 -18.70 -35.35 6.28
N SER A 593 -18.87 -34.04 6.11
CA SER A 593 -19.88 -33.30 6.86
C SER A 593 -20.92 -32.65 5.98
N THR A 594 -22.15 -32.56 6.48
CA THR A 594 -23.23 -31.99 5.70
C THR A 594 -24.39 -31.58 6.60
N TRP A 595 -25.43 -31.03 5.98
CA TRP A 595 -26.64 -30.59 6.67
C TRP A 595 -27.76 -31.61 6.39
N ALA A 596 -28.33 -32.17 7.46
CA ALA A 596 -29.43 -33.11 7.32
C ALA A 596 -30.61 -32.46 8.04
N ARG A 597 -31.35 -31.63 7.31
CA ARG A 597 -32.46 -30.91 7.91
C ARG A 597 -33.85 -31.56 7.95
N SER A 598 -33.95 -32.63 8.73
CA SER A 598 -35.22 -33.34 8.89
C SER A 598 -36.20 -32.41 9.60
N TRP A 599 -37.48 -32.59 9.30
CA TRP A 599 -38.54 -31.75 9.87
C TRP A 599 -39.27 -32.29 11.09
N TYR A 600 -39.69 -33.54 11.02
CA TYR A 600 -40.46 -34.13 12.11
C TYR A 600 -39.71 -34.45 13.41
N ASP A 601 -40.34 -34.14 14.54
CA ASP A 601 -39.74 -34.42 15.85
C ASP A 601 -39.48 -35.93 15.98
N ASN A 602 -40.31 -36.73 15.32
CA ASN A 602 -40.19 -38.18 15.41
C ASN A 602 -39.18 -38.84 14.49
N SER A 603 -38.52 -38.07 13.63
CA SER A 603 -37.52 -38.62 12.71
C SER A 603 -36.23 -38.79 13.49
N THR A 604 -36.19 -39.82 14.33
CA THR A 604 -35.05 -40.12 15.17
C THR A 604 -34.73 -41.61 15.15
N GLN A 605 -35.42 -42.37 14.30
CA GLN A 605 -35.18 -43.81 14.19
C GLN A 605 -33.86 -44.07 13.50
N ILE A 606 -33.22 -45.18 13.85
CA ILE A 606 -31.96 -45.60 13.25
C ILE A 606 -32.18 -47.03 12.77
N ARG A 607 -31.68 -47.35 11.58
CA ARG A 607 -31.85 -48.68 11.02
C ARG A 607 -30.60 -49.18 10.32
N PHE A 608 -30.40 -50.50 10.31
CA PHE A 608 -29.30 -51.12 9.59
C PHE A 608 -29.78 -51.14 8.13
N PHE A 609 -28.85 -50.95 7.19
CA PHE A 609 -29.21 -50.96 5.77
C PHE A 609 -28.20 -51.77 4.97
N HIS A 610 -28.69 -52.60 4.06
CA HIS A 610 -27.87 -53.43 3.19
C HIS A 610 -28.67 -53.62 1.91
N ASN A 611 -28.03 -53.45 0.76
CA ASN A 611 -28.75 -53.59 -0.50
C ASN A 611 -28.79 -55.01 -1.05
N GLY A 612 -28.37 -55.97 -0.23
CA GLY A 612 -28.40 -57.36 -0.67
C GLY A 612 -27.31 -57.77 -1.64
N GLU A 613 -26.40 -56.86 -1.95
CA GLU A 613 -25.30 -57.18 -2.86
C GLU A 613 -24.10 -57.48 -1.99
N GLY A 614 -23.68 -58.73 -1.99
CA GLY A 614 -22.55 -59.09 -1.15
C GLY A 614 -23.06 -59.27 0.26
N GLU A 615 -22.15 -59.22 1.22
CA GLU A 615 -22.51 -59.41 2.63
C GLU A 615 -21.78 -58.41 3.51
N VAL A 616 -22.30 -58.20 4.72
CA VAL A 616 -21.69 -57.27 5.67
C VAL A 616 -21.94 -57.68 7.11
N GLN A 617 -20.90 -57.56 7.94
CA GLN A 617 -21.00 -57.90 9.35
C GLN A 617 -20.89 -56.62 10.18
N PHE A 618 -21.92 -56.33 10.96
CA PHE A 618 -21.94 -55.15 11.81
C PHE A 618 -21.48 -55.56 13.20
N ARG A 619 -20.48 -54.86 13.73
CA ARG A 619 -19.94 -55.16 15.06
C ARG A 619 -19.72 -53.91 15.89
N ASN A 620 -19.80 -54.06 17.21
CA ASN A 620 -19.60 -52.95 18.14
C ASN A 620 -20.41 -51.72 17.73
N VAL A 621 -21.69 -51.94 17.47
CA VAL A 621 -22.59 -50.86 17.11
C VAL A 621 -23.15 -50.31 18.40
N SER A 622 -23.10 -49.00 18.58
CA SER A 622 -23.60 -48.37 19.80
C SER A 622 -24.02 -46.92 19.55
N VAL A 623 -24.92 -46.42 20.39
CA VAL A 623 -25.41 -45.04 20.26
C VAL A 623 -25.37 -44.33 21.61
N SER A 624 -24.79 -43.15 21.63
CA SER A 624 -24.73 -42.33 22.84
C SER A 624 -25.60 -41.10 22.56
N GLU A 625 -26.71 -40.98 23.28
CA GLU A 625 -27.62 -39.86 23.06
C GLU A 625 -27.45 -38.71 24.05
N GLY A 626 -27.63 -37.48 23.55
CA GLY A 626 -27.53 -36.32 24.40
C GLY A 626 -26.46 -35.28 24.09
N LEU A 627 -25.26 -35.73 23.77
CA LEU A 627 -24.14 -34.82 23.49
C LEU A 627 -24.01 -33.89 24.70
N TYR A 628 -23.79 -32.59 24.46
CA TYR A 628 -23.69 -31.63 25.56
C TYR A 628 -23.84 -30.20 25.07
N ASN A 629 -23.95 -29.27 26.01
CA ASN A 629 -24.11 -27.84 25.71
C ASN A 629 -22.74 -27.17 25.63
N ALA A 630 -22.34 -26.77 24.42
CA ALA A 630 -21.04 -26.14 24.23
C ALA A 630 -20.96 -24.68 24.68
N TRP A 631 -22.11 -24.07 24.93
CA TRP A 631 -22.16 -22.66 25.36
C TRP A 631 -22.98 -22.48 26.62
N PRO A 632 -22.41 -22.89 27.78
CA PRO A 632 -23.03 -22.81 29.11
C PRO A 632 -23.47 -21.42 29.55
N GLU A 633 -22.81 -20.39 29.04
CA GLU A 633 -23.13 -19.02 29.42
C GLU A 633 -24.31 -18.40 28.70
N ARG A 634 -24.65 -18.92 27.52
CA ARG A 634 -25.77 -18.38 26.77
C ARG A 634 -27.10 -18.81 27.40
N SER B 1 -14.27 48.66 15.99
CA SER B 1 -14.53 49.43 14.74
C SER B 1 -13.26 50.13 14.26
N TYR B 2 -12.91 49.92 13.00
CA TYR B 2 -11.72 50.53 12.44
C TYR B 2 -11.69 50.48 10.92
N HIS B 3 -11.66 51.65 10.29
CA HIS B 3 -11.58 51.75 8.84
C HIS B 3 -10.09 51.89 8.52
N LEU B 4 -9.61 51.05 7.60
CA LEU B 4 -8.21 51.07 7.21
C LEU B 4 -7.75 52.40 6.64
N ASP B 5 -7.05 53.19 7.44
CA ASP B 5 -6.54 54.48 6.98
C ASP B 5 -5.04 54.35 6.80
N THR B 6 -4.61 54.05 5.58
CA THR B 6 -3.18 53.90 5.33
C THR B 6 -2.45 55.22 5.10
N THR B 7 -3.02 56.31 5.61
CA THR B 7 -2.37 57.62 5.53
C THR B 7 -2.09 58.01 6.98
N ALA B 8 -2.63 57.22 7.89
CA ALA B 8 -2.45 57.45 9.34
C ALA B 8 -1.58 56.33 9.89
N PRO B 9 -1.00 56.54 11.08
CA PRO B 9 -0.15 55.49 11.66
C PRO B 9 -0.94 54.21 11.87
N PRO B 10 -0.27 53.05 11.75
CA PRO B 10 -0.98 51.78 11.94
C PRO B 10 -1.31 51.54 13.41
N PRO B 11 -2.37 50.76 13.68
CA PRO B 11 -2.72 50.50 15.07
C PRO B 11 -1.60 49.65 15.66
N THR B 12 -1.49 49.62 16.98
CA THR B 12 -0.42 48.85 17.60
C THR B 12 -0.50 47.35 17.29
N ASN B 13 -1.67 46.75 17.44
CA ASN B 13 -1.81 45.32 17.16
C ASN B 13 -2.75 45.10 15.97
N LEU B 14 -2.17 44.74 14.83
CA LEU B 14 -2.94 44.50 13.62
C LEU B 14 -3.88 43.30 13.77
N SER B 15 -3.52 42.39 14.66
CA SER B 15 -4.33 41.20 14.88
C SER B 15 -5.64 41.46 15.61
N THR B 16 -5.86 42.70 16.04
CA THR B 16 -7.09 43.05 16.74
C THR B 16 -8.13 43.62 15.78
N LEU B 17 -7.75 43.76 14.51
CA LEU B 17 -8.65 44.29 13.50
C LEU B 17 -9.65 43.23 13.05
N PRO B 18 -10.78 43.66 12.47
CA PRO B 18 -11.80 42.71 12.00
C PRO B 18 -11.29 41.89 10.82
N ASN B 19 -11.90 40.74 10.58
CA ASN B 19 -11.49 39.87 9.48
C ASN B 19 -11.57 40.58 8.13
N ASN B 20 -10.65 40.25 7.25
CA ASN B 20 -10.65 40.78 5.89
C ASN B 20 -10.34 42.27 5.76
N THR B 21 -10.05 42.94 6.87
CA THR B 21 -9.74 44.37 6.79
C THR B 21 -8.43 44.70 6.08
N LEU B 22 -7.46 43.78 6.07
CA LEU B 22 -6.18 44.02 5.41
C LEU B 22 -6.07 43.28 4.08
N PHE B 23 -7.22 42.86 3.55
CA PHE B 23 -7.26 42.09 2.30
C PHE B 23 -6.52 42.67 1.10
N HIS B 24 -6.63 43.97 0.88
CA HIS B 24 -5.99 44.60 -0.27
C HIS B 24 -4.67 45.29 -0.01
N LEU B 25 -4.37 45.53 1.27
CA LEU B 25 -3.17 46.25 1.68
C LEU B 25 -1.87 45.85 0.97
N TRP B 26 -1.55 44.56 0.91
CA TRP B 26 -0.33 44.19 0.21
C TRP B 26 -0.48 43.07 -0.82
N ARG B 27 -1.71 42.90 -1.30
CA ARG B 27 -2.02 41.88 -2.28
C ARG B 27 -1.53 42.26 -3.67
N PRO B 28 -0.87 41.33 -4.38
CA PRO B 28 -0.37 41.62 -5.72
C PRO B 28 -1.50 41.54 -6.74
N ARG B 29 -1.28 42.10 -7.93
CA ARG B 29 -2.30 42.10 -9.00
C ARG B 29 -1.84 41.30 -10.21
N ALA B 30 -0.53 41.14 -10.35
CA ALA B 30 0.03 40.41 -11.48
C ALA B 30 0.58 39.05 -11.09
N HIS B 31 0.21 38.55 -9.92
CA HIS B 31 0.71 37.26 -9.47
C HIS B 31 -0.33 36.15 -9.34
N ILE B 32 0.14 34.91 -9.34
CA ILE B 32 -0.73 33.76 -9.22
C ILE B 32 -1.01 33.41 -7.76
N LEU B 33 -2.30 33.49 -7.40
CA LEU B 33 -2.78 33.13 -6.06
C LEU B 33 -4.29 32.95 -6.16
N PRO B 34 -4.87 32.16 -5.25
CA PRO B 34 -6.32 31.92 -5.26
C PRO B 34 -7.12 33.18 -4.96
N ALA B 35 -8.42 33.13 -5.22
CA ALA B 35 -9.28 34.29 -4.98
C ALA B 35 -9.17 34.75 -3.52
N GLU B 36 -8.86 33.82 -2.63
CA GLU B 36 -8.71 34.11 -1.21
C GLU B 36 -8.12 32.89 -0.54
N GLY B 37 -7.90 32.98 0.77
CA GLY B 37 -7.34 31.85 1.50
C GLY B 37 -5.87 31.68 1.25
N GLN B 38 -5.32 30.53 1.65
CA GLN B 38 -3.88 30.32 1.47
C GLN B 38 -3.51 29.41 0.30
N ILE B 39 -2.29 29.63 -0.18
CA ILE B 39 -1.75 28.84 -1.27
C ILE B 39 -0.44 28.22 -0.77
N GLY B 40 -0.31 26.92 -1.04
CA GLY B 40 0.88 26.18 -0.66
C GLY B 40 1.69 25.85 -1.92
N ASP B 41 2.35 24.69 -1.93
CA ASP B 41 3.17 24.30 -3.09
C ASP B 41 2.48 24.32 -4.45
N PRO B 42 3.15 24.87 -5.48
CA PRO B 42 2.51 24.85 -6.80
C PRO B 42 2.74 23.39 -7.23
N CYS B 43 2.01 22.91 -8.23
CA CYS B 43 2.18 21.55 -8.72
C CYS B 43 1.14 21.22 -9.77
N ALA B 44 1.23 20.01 -10.33
CA ALA B 44 0.27 19.53 -11.30
C ALA B 44 0.06 20.37 -12.55
N HIS B 45 1.12 21.03 -13.03
CA HIS B 45 0.97 21.85 -14.23
C HIS B 45 1.03 20.94 -15.46
N TYR B 46 0.44 21.38 -16.56
CA TYR B 46 0.47 20.60 -17.79
C TYR B 46 -0.16 21.34 -18.96
N THR B 47 0.18 20.92 -20.18
CA THR B 47 -0.39 21.52 -21.37
C THR B 47 -1.43 20.52 -21.87
N ASP B 48 -2.68 20.96 -21.93
CA ASP B 48 -3.76 20.08 -22.41
C ASP B 48 -3.57 19.87 -23.91
N PRO B 49 -3.28 18.62 -24.32
CA PRO B 49 -3.07 18.23 -25.72
C PRO B 49 -4.22 18.61 -26.63
N SER B 50 -5.43 18.60 -26.06
CA SER B 50 -6.64 18.92 -26.80
C SER B 50 -6.82 20.39 -27.14
N THR B 51 -6.66 21.26 -26.13
CA THR B 51 -6.85 22.70 -26.34
C THR B 51 -5.58 23.51 -26.45
N GLY B 52 -4.45 22.97 -26.00
CA GLY B 52 -3.19 23.69 -26.06
C GLY B 52 -3.05 24.68 -24.91
N LEU B 53 -4.03 24.68 -24.01
CA LEU B 53 -3.97 25.58 -22.87
C LEU B 53 -3.00 25.06 -21.82
N PHE B 54 -2.36 25.97 -21.09
CA PHE B 54 -1.45 25.56 -20.03
C PHE B 54 -2.20 25.59 -18.71
N HIS B 55 -2.23 24.46 -18.02
CA HIS B 55 -2.90 24.36 -16.73
C HIS B 55 -1.89 24.52 -15.60
N VAL B 56 -2.24 25.35 -14.63
CA VAL B 56 -1.39 25.58 -13.46
C VAL B 56 -2.11 25.05 -12.23
N GLY B 57 -1.37 24.42 -11.33
CA GLY B 57 -1.98 23.91 -10.11
C GLY B 57 -1.23 24.36 -8.88
N PHE B 58 -1.86 24.24 -7.72
CA PHE B 58 -1.26 24.58 -6.43
C PHE B 58 -2.13 24.09 -5.27
N LEU B 59 -1.49 23.74 -4.16
CA LEU B 59 -2.20 23.29 -2.97
C LEU B 59 -2.93 24.52 -2.45
N HIS B 60 -4.14 24.33 -1.95
CA HIS B 60 -4.94 25.45 -1.49
C HIS B 60 -5.66 25.19 -0.17
N ASP B 61 -5.37 26.01 0.84
CA ASP B 61 -5.97 25.89 2.17
C ASP B 61 -5.70 24.55 2.84
N GLY B 62 -4.63 23.88 2.40
CA GLY B 62 -4.30 22.59 2.96
C GLY B 62 -5.44 21.59 2.75
N ASP B 63 -6.18 21.74 1.67
CA ASP B 63 -7.31 20.85 1.41
C ASP B 63 -7.41 20.38 -0.03
N GLY B 64 -6.26 20.18 -0.67
CA GLY B 64 -6.26 19.71 -2.04
C GLY B 64 -5.55 20.62 -3.04
N ILE B 65 -5.65 20.24 -4.30
CA ILE B 65 -5.02 20.97 -5.39
C ILE B 65 -6.10 21.77 -6.13
N ALA B 66 -5.85 23.07 -6.29
CA ALA B 66 -6.76 23.97 -7.01
C ALA B 66 -6.13 24.22 -8.38
N GLY B 67 -6.92 24.71 -9.33
CA GLY B 67 -6.37 24.96 -10.64
C GLY B 67 -6.77 26.23 -11.33
N ALA B 68 -6.02 26.56 -12.37
CA ALA B 68 -6.26 27.74 -13.19
C ALA B 68 -5.71 27.41 -14.56
N THR B 69 -6.20 28.12 -15.58
CA THR B 69 -5.74 27.89 -16.94
C THR B 69 -5.31 29.20 -17.59
N THR B 70 -4.37 29.11 -18.51
CA THR B 70 -3.92 30.30 -19.23
C THR B 70 -3.66 29.95 -20.69
N ALA B 71 -3.90 30.91 -21.56
CA ALA B 71 -3.71 30.74 -23.00
C ALA B 71 -2.54 31.58 -23.48
N ASN B 72 -1.99 32.42 -22.60
CA ASN B 72 -0.90 33.31 -22.98
C ASN B 72 0.24 33.40 -21.98
N LEU B 73 0.08 32.78 -20.82
CA LEU B 73 1.09 32.82 -19.76
C LEU B 73 1.24 34.25 -19.25
N ALA B 74 0.12 34.97 -19.22
CA ALA B 74 0.06 36.34 -18.74
C ALA B 74 -1.17 36.50 -17.85
N THR B 75 -2.33 36.16 -18.39
CA THR B 75 -3.59 36.25 -17.63
C THR B 75 -4.14 34.85 -17.37
N TYR B 76 -4.78 34.69 -16.22
CA TYR B 76 -5.31 33.39 -15.80
C TYR B 76 -6.80 33.40 -15.53
N THR B 77 -7.36 32.20 -15.49
CA THR B 77 -8.78 31.99 -15.22
C THR B 77 -8.92 30.79 -14.30
N ASP B 78 -9.62 30.97 -13.18
CA ASP B 78 -9.86 29.88 -12.22
C ASP B 78 -10.63 28.77 -12.94
N THR B 79 -10.34 27.51 -12.61
CA THR B 79 -11.03 26.41 -13.25
C THR B 79 -12.47 26.36 -12.77
N SER B 80 -12.70 26.83 -11.55
CA SER B 80 -14.06 26.86 -11.01
C SER B 80 -14.14 27.81 -9.84
N ASP B 81 -15.33 27.95 -9.29
CA ASP B 81 -15.56 28.82 -8.15
C ASP B 81 -15.41 28.01 -6.88
N ASN B 82 -15.77 28.63 -5.76
CA ASN B 82 -15.72 28.00 -4.46
C ASN B 82 -14.36 27.32 -4.17
N GLY B 83 -13.27 28.03 -4.42
CA GLY B 83 -11.97 27.44 -4.16
C GLY B 83 -11.25 26.93 -5.41
N SER B 84 -12.01 26.65 -6.47
CA SER B 84 -11.46 26.17 -7.74
C SER B 84 -10.66 24.89 -7.58
N PHE B 85 -11.07 24.04 -6.64
CA PHE B 85 -10.41 22.77 -6.39
C PHE B 85 -10.51 21.74 -7.52
N LEU B 86 -9.42 21.02 -7.73
CA LEU B 86 -9.35 19.96 -8.75
C LEU B 86 -9.51 18.61 -8.07
N ILE B 87 -8.87 18.45 -6.92
CA ILE B 87 -8.94 17.19 -6.19
C ILE B 87 -8.70 17.48 -4.72
N GLN B 88 -9.48 16.82 -3.86
CA GLN B 88 -9.37 17.01 -2.42
C GLN B 88 -9.29 15.67 -1.68
N PRO B 89 -8.85 15.68 -0.41
CA PRO B 89 -8.74 14.45 0.37
C PRO B 89 -10.08 13.85 0.81
N GLY B 90 -10.02 12.65 1.39
CA GLY B 90 -11.22 11.98 1.84
C GLY B 90 -11.50 10.73 1.02
N GLY B 91 -10.60 10.39 0.11
CA GLY B 91 -10.77 9.20 -0.69
C GLY B 91 -10.22 8.04 0.12
N LYS B 92 -10.23 6.83 -0.44
CA LYS B 92 -9.71 5.67 0.27
C LYS B 92 -8.20 5.72 0.39
N ASN B 93 -7.53 6.24 -0.62
CA ASN B 93 -6.07 6.31 -0.62
C ASN B 93 -5.52 7.53 0.11
N ASP B 94 -6.31 8.61 0.11
CA ASP B 94 -5.93 9.88 0.75
C ASP B 94 -6.96 10.32 1.78
N PRO B 95 -7.22 9.49 2.79
CA PRO B 95 -8.21 9.91 3.77
C PRO B 95 -7.84 11.17 4.54
N VAL B 96 -6.55 11.39 4.73
CA VAL B 96 -6.08 12.56 5.48
C VAL B 96 -5.73 13.80 4.66
N ALA B 97 -5.00 13.64 3.56
CA ALA B 97 -4.64 14.80 2.76
C ALA B 97 -4.19 14.48 1.36
N VAL B 98 -4.13 15.52 0.55
CA VAL B 98 -3.67 15.44 -0.84
C VAL B 98 -2.40 16.31 -0.98
N PHE B 99 -1.26 15.66 -1.19
CA PHE B 99 0.02 16.37 -1.35
C PHE B 99 0.33 16.61 -2.83
N ASP B 100 1.50 17.18 -3.12
CA ASP B 100 1.88 17.49 -4.49
C ASP B 100 1.78 16.36 -5.50
N GLY B 101 1.57 16.73 -6.76
CA GLY B 101 1.48 15.75 -7.82
C GLY B 101 1.93 16.31 -9.16
N ALA B 102 2.10 15.44 -10.15
CA ALA B 102 2.52 15.87 -11.48
C ALA B 102 1.59 15.19 -12.49
N VAL B 103 1.53 15.76 -13.69
CA VAL B 103 0.64 15.25 -14.72
C VAL B 103 1.26 14.70 -16.01
N ILE B 104 0.79 13.53 -16.41
CA ILE B 104 1.23 12.90 -17.65
C ILE B 104 0.13 13.36 -18.60
N PRO B 105 0.46 14.18 -19.60
CA PRO B 105 -0.52 14.71 -20.56
C PRO B 105 -1.37 13.65 -21.26
N VAL B 106 -0.74 12.58 -21.71
CA VAL B 106 -1.48 11.51 -22.37
C VAL B 106 -1.23 10.24 -21.58
N GLY B 107 -2.10 9.97 -20.60
CA GLY B 107 -1.94 8.79 -19.76
C GLY B 107 -3.13 7.85 -19.81
N VAL B 108 -3.73 7.57 -18.65
CA VAL B 108 -4.88 6.68 -18.59
C VAL B 108 -6.03 7.22 -19.43
N ASN B 109 -6.62 6.35 -20.25
CA ASN B 109 -7.70 6.75 -21.14
C ASN B 109 -7.20 7.84 -22.10
N ASN B 110 -5.89 7.88 -22.29
CA ASN B 110 -5.26 8.85 -23.17
C ASN B 110 -5.56 10.29 -22.79
N THR B 111 -5.79 10.53 -21.50
CA THR B 111 -6.09 11.89 -21.05
C THR B 111 -5.09 12.31 -19.98
N PRO B 112 -5.08 13.61 -19.63
CA PRO B 112 -4.17 14.10 -18.60
C PRO B 112 -4.36 13.28 -17.34
N THR B 113 -3.27 12.68 -16.86
CA THR B 113 -3.30 11.85 -15.67
C THR B 113 -2.39 12.40 -14.57
N LEU B 114 -2.95 12.53 -13.37
CA LEU B 114 -2.22 13.05 -12.22
C LEU B 114 -1.73 11.93 -11.32
N LEU B 115 -0.42 11.93 -11.06
CA LEU B 115 0.19 10.96 -10.14
C LEU B 115 0.50 11.87 -8.96
N TYR B 116 -0.16 11.62 -7.82
CA TYR B 116 0.04 12.47 -6.65
C TYR B 116 0.23 11.73 -5.35
N THR B 117 0.75 12.43 -4.36
CA THR B 117 0.96 11.79 -3.06
C THR B 117 -0.33 11.84 -2.24
N SER B 118 -0.92 10.67 -2.05
CA SER B 118 -2.14 10.53 -1.25
C SER B 118 -1.66 10.23 0.17
N VAL B 119 -2.17 11.03 1.11
CA VAL B 119 -1.78 10.91 2.51
C VAL B 119 -2.83 10.30 3.42
N SER B 120 -2.38 9.33 4.22
CA SER B 120 -3.24 8.62 5.15
C SER B 120 -2.92 8.80 6.63
N PHE B 121 -1.79 9.42 6.94
CA PHE B 121 -1.40 9.65 8.34
C PHE B 121 -0.54 10.90 8.51
N LEU B 122 -0.72 11.59 9.64
CA LEU B 122 0.04 12.78 9.98
C LEU B 122 0.30 12.70 11.48
N PRO B 123 1.33 13.41 11.97
CA PRO B 123 2.24 14.25 11.18
C PRO B 123 3.29 13.47 10.39
N ILE B 124 4.03 14.20 9.57
CA ILE B 124 5.09 13.63 8.76
C ILE B 124 6.19 14.68 8.75
N HIS B 125 7.38 14.32 9.22
CA HIS B 125 8.49 15.26 9.21
C HIS B 125 9.77 14.45 9.34
N TRP B 126 10.85 14.92 8.73
CA TRP B 126 12.12 14.21 8.77
C TRP B 126 12.71 14.05 10.16
N SER B 127 12.34 14.94 11.09
CA SER B 127 12.89 14.90 12.45
C SER B 127 12.17 13.97 13.44
N ILE B 128 11.12 13.28 12.98
CA ILE B 128 10.38 12.36 13.84
C ILE B 128 10.19 11.04 13.09
N PRO B 129 9.91 9.95 13.83
CA PRO B 129 9.74 8.64 13.18
C PRO B 129 8.69 8.69 12.07
N TYR B 130 8.92 7.91 11.03
CA TYR B 130 8.01 7.85 9.89
C TYR B 130 6.95 6.78 10.10
N THR B 131 5.68 7.14 9.91
CA THR B 131 4.57 6.22 10.05
C THR B 131 4.35 5.48 8.73
N ARG B 132 4.50 4.16 8.75
CA ARG B 132 4.34 3.35 7.54
C ARG B 132 2.99 3.65 6.89
N GLY B 133 3.00 3.80 5.56
CA GLY B 133 1.78 4.07 4.82
C GLY B 133 1.36 5.52 4.84
N SER B 134 2.19 6.39 5.41
CA SER B 134 1.89 7.82 5.48
C SER B 134 1.61 8.41 4.11
N GLU B 135 2.55 8.20 3.21
CA GLU B 135 2.48 8.74 1.86
C GLU B 135 2.58 7.68 0.78
N THR B 136 1.60 7.68 -0.13
CA THR B 136 1.60 6.74 -1.25
C THR B 136 1.34 7.55 -2.51
N GLN B 137 1.61 6.98 -3.67
CA GLN B 137 1.40 7.71 -4.91
C GLN B 137 0.20 7.11 -5.66
N SER B 138 -0.82 7.94 -5.87
CA SER B 138 -2.04 7.48 -6.54
C SER B 138 -2.31 8.21 -7.84
N LEU B 139 -3.24 7.68 -8.63
CA LEU B 139 -3.61 8.25 -9.93
C LEU B 139 -5.02 8.86 -9.96
N ALA B 140 -5.16 9.90 -10.78
CA ALA B 140 -6.45 10.56 -10.96
C ALA B 140 -6.48 11.00 -12.42
N VAL B 141 -7.65 11.00 -13.03
CA VAL B 141 -7.77 11.41 -14.42
C VAL B 141 -8.55 12.70 -14.55
N ALA B 142 -8.12 13.55 -15.47
CA ALA B 142 -8.76 14.83 -15.71
C ALA B 142 -10.13 14.70 -16.37
N ARG B 143 -11.09 15.48 -15.90
CA ARG B 143 -12.44 15.46 -16.45
C ARG B 143 -12.89 16.88 -16.72
N ASP B 144 -13.81 17.04 -17.67
CA ASP B 144 -14.37 18.33 -18.04
C ASP B 144 -13.34 19.44 -18.23
N GLY B 145 -12.56 19.34 -19.31
CA GLY B 145 -11.56 20.34 -19.61
C GLY B 145 -10.48 20.48 -18.55
N GLY B 146 -10.44 19.56 -17.60
CA GLY B 146 -9.43 19.61 -16.56
C GLY B 146 -9.87 20.44 -15.36
N ARG B 147 -11.16 20.69 -15.26
CA ARG B 147 -11.69 21.49 -14.16
C ARG B 147 -11.84 20.61 -12.93
N ARG B 148 -11.52 19.34 -13.08
CA ARG B 148 -11.60 18.41 -11.96
C ARG B 148 -10.80 17.16 -12.28
N PHE B 149 -10.25 16.53 -11.25
CA PHE B 149 -9.51 15.29 -11.40
C PHE B 149 -10.18 14.20 -10.58
N ASP B 150 -10.70 13.17 -11.26
CA ASP B 150 -11.35 12.07 -10.58
C ASP B 150 -10.32 10.99 -10.25
N LYS B 151 -10.27 10.60 -8.98
CA LYS B 151 -9.34 9.57 -8.52
C LYS B 151 -9.70 8.24 -9.17
N LEU B 152 -8.71 7.48 -9.63
CA LEU B 152 -9.04 6.19 -10.21
C LEU B 152 -9.54 5.33 -9.06
N ASP B 153 -10.53 4.49 -9.35
CA ASP B 153 -11.13 3.63 -8.34
C ASP B 153 -10.30 2.38 -7.98
N GLN B 154 -9.16 2.62 -7.35
CA GLN B 154 -8.29 1.54 -6.88
C GLN B 154 -7.22 2.11 -5.95
N GLY B 155 -6.39 1.24 -5.38
CA GLY B 155 -5.35 1.69 -4.47
C GLY B 155 -4.23 2.43 -5.16
N PRO B 156 -3.24 2.94 -4.41
CA PRO B 156 -2.11 3.68 -4.99
C PRO B 156 -1.31 2.81 -5.97
N VAL B 157 -0.71 3.42 -6.99
CA VAL B 157 0.10 2.65 -7.95
C VAL B 157 1.51 2.40 -7.45
N ILE B 158 1.88 3.12 -6.40
CA ILE B 158 3.15 2.97 -5.72
C ILE B 158 2.66 3.03 -4.28
N ALA B 159 2.28 1.86 -3.76
CA ALA B 159 1.69 1.77 -2.41
C ALA B 159 2.64 1.73 -1.22
N ASP B 160 3.93 1.89 -1.45
CA ASP B 160 4.86 1.86 -0.34
C ASP B 160 6.22 2.39 -0.79
N HIS B 161 6.99 2.89 0.16
CA HIS B 161 8.32 3.41 -0.14
C HIS B 161 9.22 2.18 -0.33
N PRO B 162 10.46 2.38 -0.82
CA PRO B 162 11.38 1.26 -1.02
C PRO B 162 11.45 0.31 0.19
N PHE B 163 11.42 -0.98 -0.10
CA PHE B 163 11.40 -2.03 0.93
C PHE B 163 12.40 -1.88 2.07
N ALA B 164 11.87 -1.90 3.28
CA ALA B 164 12.66 -1.81 4.52
C ALA B 164 13.57 -0.61 4.61
N VAL B 165 13.28 0.43 3.82
CA VAL B 165 14.08 1.64 3.86
C VAL B 165 13.37 2.64 4.75
N ASP B 166 14.07 3.10 5.79
CA ASP B 166 13.50 4.03 6.75
C ASP B 166 13.54 5.45 6.20
N VAL B 167 12.58 5.75 5.34
CA VAL B 167 12.49 7.05 4.69
C VAL B 167 12.07 8.15 5.65
N THR B 168 12.55 9.36 5.38
CA THR B 168 12.19 10.51 6.19
C THR B 168 10.92 11.10 5.57
N ALA B 169 10.76 10.87 4.28
CA ALA B 169 9.64 11.37 3.49
C ALA B 169 9.60 10.60 2.17
N PHE B 170 8.44 10.61 1.52
CA PHE B 170 8.29 9.90 0.25
C PHE B 170 7.13 10.56 -0.48
N ARG B 171 7.38 11.76 -0.98
CA ARG B 171 6.33 12.53 -1.64
C ARG B 171 6.79 13.37 -2.81
N ASP B 172 5.82 14.07 -3.40
CA ASP B 172 6.02 14.98 -4.52
C ASP B 172 6.50 14.34 -5.82
N PRO B 173 5.74 13.38 -6.36
CA PRO B 173 6.18 12.77 -7.61
C PRO B 173 6.22 13.77 -8.77
N PHE B 174 7.26 13.66 -9.59
CA PHE B 174 7.46 14.52 -10.75
C PHE B 174 7.76 13.60 -11.92
N VAL B 175 7.03 13.77 -13.02
CA VAL B 175 7.22 12.90 -14.18
C VAL B 175 8.01 13.55 -15.31
N PHE B 176 8.79 12.73 -16.01
CA PHE B 176 9.60 13.26 -17.10
C PHE B 176 10.11 12.16 -18.02
N ARG B 177 10.59 12.56 -19.19
CA ARG B 177 11.14 11.64 -20.17
C ARG B 177 12.60 11.99 -20.35
N SER B 178 13.41 11.01 -20.76
CA SER B 178 14.84 11.23 -20.96
C SER B 178 15.46 10.22 -21.91
N ALA B 179 16.06 10.71 -22.99
CA ALA B 179 16.71 9.83 -23.95
C ALA B 179 17.91 9.19 -23.26
N ARG B 180 18.63 10.00 -22.49
CA ARG B 180 19.82 9.55 -21.78
C ARG B 180 19.49 8.36 -20.88
N LEU B 181 18.51 8.54 -19.99
CA LEU B 181 18.12 7.45 -19.09
C LEU B 181 17.68 6.21 -19.86
N ASP B 182 16.82 6.40 -20.85
CA ASP B 182 16.35 5.28 -21.65
C ASP B 182 17.53 4.50 -22.22
N VAL B 183 18.48 5.22 -22.81
CA VAL B 183 19.66 4.58 -23.41
C VAL B 183 20.47 3.83 -22.34
N LEU B 184 20.83 4.53 -21.27
CA LEU B 184 21.63 3.92 -20.21
C LEU B 184 20.99 2.65 -19.63
N LEU B 185 19.67 2.59 -19.64
CA LEU B 185 18.95 1.43 -19.10
C LEU B 185 18.72 0.31 -20.11
N SER B 186 19.23 0.49 -21.33
CA SER B 186 19.03 -0.52 -22.37
C SER B 186 20.34 -1.10 -22.90
N LEU B 187 21.45 -0.49 -22.53
CA LEU B 187 22.76 -0.95 -22.99
C LEU B 187 23.40 -1.88 -21.97
N ASP B 188 24.60 -2.35 -22.27
CA ASP B 188 25.34 -3.25 -21.39
C ASP B 188 26.23 -2.44 -20.44
N GLU B 189 26.54 -3.02 -19.28
CA GLU B 189 27.38 -2.34 -18.29
C GLU B 189 28.79 -2.10 -18.83
N GLU B 190 28.93 -2.21 -20.15
CA GLU B 190 30.22 -1.99 -20.82
C GLU B 190 30.02 -1.17 -22.08
N VAL B 191 28.94 -1.44 -22.80
CA VAL B 191 28.63 -0.71 -24.03
C VAL B 191 27.91 0.58 -23.67
N ALA B 192 27.57 0.72 -22.39
CA ALA B 192 26.89 1.91 -21.90
C ALA B 192 27.86 2.77 -21.11
N ARG B 193 29.05 2.23 -20.87
CA ARG B 193 30.07 2.94 -20.12
C ARG B 193 30.76 3.97 -21.01
N ASN B 194 30.92 3.64 -22.29
CA ASN B 194 31.54 4.56 -23.23
C ASN B 194 30.50 5.54 -23.76
N GLU B 195 30.69 6.81 -23.42
CA GLU B 195 29.77 7.87 -23.84
C GLU B 195 29.57 7.90 -25.35
N THR B 196 30.43 7.19 -26.08
CA THR B 196 30.35 7.14 -27.54
C THR B 196 29.13 6.33 -27.99
N ALA B 197 29.21 5.02 -27.81
CA ALA B 197 28.12 4.13 -28.21
C ALA B 197 26.78 4.67 -27.71
N VAL B 198 26.79 5.26 -26.52
CA VAL B 198 25.60 5.83 -25.92
C VAL B 198 24.98 6.91 -26.81
N GLN B 199 25.76 7.94 -27.11
CA GLN B 199 25.31 9.05 -27.93
C GLN B 199 24.65 8.59 -29.23
N GLN B 200 25.14 7.48 -29.80
CA GLN B 200 24.58 6.96 -31.03
C GLN B 200 23.10 6.62 -30.84
N ALA B 201 22.78 6.00 -29.71
CA ALA B 201 21.41 5.62 -29.41
C ALA B 201 20.56 6.84 -29.08
N VAL B 202 21.17 7.81 -28.39
CA VAL B 202 20.47 9.03 -28.03
C VAL B 202 19.95 9.76 -29.27
N ASP B 203 20.79 9.85 -30.29
CA ASP B 203 20.42 10.53 -31.52
C ASP B 203 19.20 9.90 -32.18
N GLY B 204 19.02 8.59 -31.96
CA GLY B 204 17.89 7.90 -32.56
C GLY B 204 16.68 7.80 -31.65
N TRP B 205 16.79 8.36 -30.45
CA TRP B 205 15.70 8.34 -29.48
C TRP B 205 14.46 9.08 -29.96
N THR B 206 13.29 8.53 -29.61
CA THR B 206 12.01 9.12 -29.99
C THR B 206 11.17 9.33 -28.75
N GLU B 207 10.76 10.57 -28.50
CA GLU B 207 9.97 10.92 -27.33
C GLU B 207 8.56 10.32 -27.27
N LYS B 208 7.84 10.39 -28.38
CA LYS B 208 6.48 9.87 -28.44
C LYS B 208 6.24 8.56 -27.68
N ASN B 209 7.03 7.54 -27.96
CA ASN B 209 6.87 6.24 -27.31
C ASN B 209 7.86 5.97 -26.18
N ALA B 210 8.46 7.02 -25.64
CA ALA B 210 9.42 6.86 -24.54
C ALA B 210 8.66 6.67 -23.23
N PRO B 211 9.19 5.83 -22.32
CA PRO B 211 8.52 5.61 -21.05
C PRO B 211 8.70 6.79 -20.10
N TRP B 212 7.77 6.93 -19.16
CA TRP B 212 7.83 8.01 -18.19
C TRP B 212 8.60 7.63 -16.95
N TYR B 213 9.38 8.58 -16.45
CA TYR B 213 10.15 8.38 -15.23
C TYR B 213 9.45 9.20 -14.15
N VAL B 214 9.61 8.76 -12.90
CA VAL B 214 9.03 9.48 -11.77
C VAL B 214 10.08 9.64 -10.69
N ALA B 215 10.33 10.87 -10.26
CA ALA B 215 11.29 11.12 -9.21
C ALA B 215 10.44 11.47 -7.98
N VAL B 216 10.72 10.80 -6.87
CA VAL B 216 9.99 11.02 -5.62
C VAL B 216 11.01 11.55 -4.62
N SER B 217 10.63 12.56 -3.87
CA SER B 217 11.53 13.19 -2.93
C SER B 217 11.41 12.82 -1.45
N GLY B 218 12.56 12.76 -0.79
CA GLY B 218 12.58 12.43 0.62
C GLY B 218 14.00 12.27 1.17
N GLY B 219 14.25 11.14 1.81
CA GLY B 219 15.57 10.87 2.38
C GLY B 219 15.49 9.62 3.24
N VAL B 220 16.61 9.23 3.83
CA VAL B 220 16.65 8.04 4.68
C VAL B 220 17.19 8.41 6.07
N HIS B 221 16.42 8.07 7.10
CA HIS B 221 16.83 8.38 8.47
C HIS B 221 18.25 7.94 8.77
N GLY B 222 19.01 8.84 9.38
CA GLY B 222 20.39 8.54 9.75
C GLY B 222 21.33 8.32 8.57
N VAL B 223 20.90 8.74 7.38
CA VAL B 223 21.73 8.57 6.19
C VAL B 223 21.76 9.88 5.42
N GLY B 224 20.60 10.38 5.03
CA GLY B 224 20.57 11.63 4.31
C GLY B 224 19.47 11.79 3.29
N PRO B 225 19.26 13.03 2.81
CA PRO B 225 18.22 13.33 1.81
C PRO B 225 18.48 12.56 0.52
N ALA B 226 17.42 12.37 -0.27
CA ALA B 226 17.57 11.62 -1.50
C ALA B 226 16.35 11.73 -2.39
N GLN B 227 16.51 11.27 -3.63
CA GLN B 227 15.42 11.22 -4.60
C GLN B 227 15.30 9.76 -5.02
N PHE B 228 14.07 9.26 -4.97
CA PHE B 228 13.80 7.88 -5.35
C PHE B 228 13.30 7.90 -6.79
N LEU B 229 13.96 7.15 -7.66
CA LEU B 229 13.61 7.12 -9.07
C LEU B 229 12.84 5.86 -9.52
N TYR B 230 11.80 6.08 -10.32
CA TYR B 230 10.96 4.99 -10.85
C TYR B 230 10.69 5.25 -12.34
N ARG B 231 10.10 4.27 -13.01
CA ARG B 231 9.72 4.43 -14.41
C ARG B 231 8.75 3.31 -14.76
N GLN B 232 7.88 3.59 -15.73
CA GLN B 232 6.91 2.60 -16.16
C GLN B 232 7.61 1.24 -16.27
N ASN B 233 7.04 0.23 -15.61
CA ASN B 233 7.64 -1.09 -15.61
C ASN B 233 8.13 -1.56 -16.99
N GLY B 234 9.36 -2.08 -17.00
CA GLY B 234 9.95 -2.56 -18.24
C GLY B 234 10.08 -1.53 -19.34
N GLY B 235 10.01 -0.24 -18.97
CA GLY B 235 10.10 0.82 -19.96
C GLY B 235 8.91 0.83 -20.91
N ASN B 236 7.78 0.30 -20.44
CA ASN B 236 6.58 0.24 -21.25
C ASN B 236 5.78 1.54 -21.14
N ALA B 237 5.87 2.39 -22.15
CA ALA B 237 5.16 3.66 -22.16
C ALA B 237 3.66 3.51 -21.95
N SER B 238 3.15 2.30 -22.14
CA SER B 238 1.72 2.04 -21.98
C SER B 238 1.38 1.46 -20.60
N GLU B 239 2.38 1.35 -19.74
CA GLU B 239 2.18 0.79 -18.41
C GLU B 239 2.00 1.87 -17.34
N PHE B 240 0.76 2.08 -16.89
CA PHE B 240 0.49 3.10 -15.86
C PHE B 240 0.19 2.51 -14.48
N GLN B 241 0.13 1.18 -14.41
CA GLN B 241 -0.16 0.50 -13.16
C GLN B 241 1.09 0.20 -12.34
N TYR B 242 2.10 -0.39 -12.99
CA TYR B 242 3.32 -0.75 -12.29
C TYR B 242 4.53 0.11 -12.65
N TRP B 243 5.24 0.57 -11.62
CA TRP B 243 6.40 1.42 -11.80
C TRP B 243 7.61 0.77 -11.14
N GLU B 244 8.56 0.32 -11.95
CA GLU B 244 9.75 -0.32 -11.40
C GLU B 244 10.62 0.69 -10.68
N TYR B 245 11.16 0.28 -9.53
CA TYR B 245 12.03 1.15 -8.74
C TYR B 245 13.45 1.05 -9.28
N LEU B 246 14.06 2.19 -9.59
CA LEU B 246 15.41 2.22 -10.12
C LEU B 246 16.46 2.58 -9.07
N GLY B 247 16.01 2.74 -7.82
CA GLY B 247 16.93 3.06 -6.74
C GLY B 247 17.01 4.53 -6.40
N GLU B 248 17.88 4.88 -5.45
CA GLU B 248 18.09 6.26 -5.05
C GLU B 248 19.14 6.87 -5.98
N TRP B 249 18.69 7.27 -7.16
CA TRP B 249 19.58 7.82 -8.18
C TRP B 249 20.32 9.09 -7.77
N TRP B 250 19.91 9.69 -6.66
CA TRP B 250 20.51 10.95 -6.20
C TRP B 250 20.41 11.03 -4.66
N GLN B 251 21.55 11.04 -3.97
CA GLN B 251 21.55 11.13 -2.52
C GLN B 251 22.79 11.84 -1.98
N GLU B 252 22.64 12.47 -0.81
CA GLU B 252 23.73 13.19 -0.15
C GLU B 252 23.74 12.87 1.34
N ALA B 253 24.90 12.99 1.97
CA ALA B 253 25.02 12.70 3.40
C ALA B 253 24.24 13.72 4.20
N THR B 254 23.67 13.30 5.32
CA THR B 254 22.89 14.17 6.18
C THR B 254 23.56 15.53 6.37
N ASN B 255 22.79 16.58 6.08
CA ASN B 255 23.22 17.96 6.22
C ASN B 255 24.58 18.32 5.60
N SER B 256 24.99 17.59 4.56
CA SER B 256 26.23 17.91 3.88
C SER B 256 25.90 19.11 2.99
N SER B 257 26.87 19.60 2.23
CA SER B 257 26.61 20.76 1.37
C SER B 257 27.54 20.83 0.18
N TRP B 258 27.05 21.45 -0.89
CA TRP B 258 27.80 21.64 -2.12
C TRP B 258 28.95 22.58 -1.82
N GLY B 259 30.17 22.18 -2.18
CA GLY B 259 31.31 23.03 -1.91
C GLY B 259 31.86 22.77 -0.53
N ASP B 260 33.13 23.11 -0.34
CA ASP B 260 33.79 22.89 0.94
C ASP B 260 33.31 23.79 2.09
N GLU B 261 32.39 24.71 1.81
CA GLU B 261 31.88 25.60 2.85
C GLU B 261 30.40 25.94 2.72
N GLY B 262 29.71 25.33 1.77
CA GLY B 262 28.30 25.61 1.57
C GLY B 262 28.07 27.09 1.33
N THR B 263 28.84 27.65 0.42
CA THR B 263 28.77 29.07 0.09
C THR B 263 27.83 29.46 -1.04
N TRP B 264 27.82 28.66 -2.10
CA TRP B 264 27.01 28.98 -3.27
C TRP B 264 25.68 28.24 -3.45
N ALA B 265 25.60 27.04 -2.80
CA ALA B 265 24.36 26.28 -2.94
C ALA B 265 23.84 25.73 -1.61
N GLY B 266 23.86 26.57 -0.59
CA GLY B 266 23.30 26.29 0.72
C GLY B 266 23.67 24.92 1.26
N ARG B 267 22.76 24.15 1.85
CA ARG B 267 23.08 22.79 2.28
C ARG B 267 22.05 21.82 1.75
N TRP B 268 22.43 20.56 1.61
CA TRP B 268 21.52 19.53 1.15
C TRP B 268 20.52 19.23 2.26
N GLY B 269 20.88 19.61 3.48
CA GLY B 269 20.00 19.42 4.61
C GLY B 269 19.67 18.00 5.05
N PHE B 270 18.51 17.88 5.69
CA PHE B 270 18.04 16.61 6.22
C PHE B 270 16.96 15.93 5.39
N ASN B 271 16.42 16.62 4.38
CA ASN B 271 15.35 16.04 3.56
C ASN B 271 15.14 16.83 2.27
N PHE B 272 14.96 16.11 1.17
CA PHE B 272 14.71 16.73 -0.14
C PHE B 272 13.20 16.81 -0.39
N GLU B 273 12.77 17.91 -1.02
CA GLU B 273 11.35 18.09 -1.33
C GLU B 273 11.18 18.66 -2.74
N THR B 274 10.13 18.37 -3.28
CA THR B 274 9.73 18.88 -4.59
C THR B 274 10.84 18.82 -5.65
N GLY B 275 11.33 17.66 -5.91
CA GLY B 275 12.33 17.58 -6.95
C GLY B 275 11.68 17.62 -8.33
N ASN B 276 12.29 18.41 -9.22
CA ASN B 276 11.87 18.48 -10.63
C ASN B 276 13.12 18.09 -11.44
N VAL B 277 12.94 17.32 -12.51
CA VAL B 277 14.09 16.92 -13.33
C VAL B 277 13.93 17.59 -14.70
N LEU B 278 14.95 18.36 -15.07
CA LEU B 278 14.95 19.11 -16.32
C LEU B 278 16.08 18.72 -17.28
N PHE B 279 15.91 19.07 -18.54
CA PHE B 279 16.91 18.79 -19.57
C PHE B 279 17.00 20.09 -20.36
N LEU B 280 17.99 20.91 -20.00
CA LEU B 280 18.16 22.21 -20.60
C LEU B 280 19.23 22.39 -21.67
N THR B 281 18.92 23.27 -22.60
CA THR B 281 19.79 23.66 -23.69
C THR B 281 19.89 25.16 -23.56
N GLU B 282 20.67 25.78 -24.45
CA GLU B 282 20.85 27.22 -24.41
C GLU B 282 19.65 28.02 -24.89
N GLU B 283 18.63 27.32 -25.40
CA GLU B 283 17.42 27.98 -25.87
C GLU B 283 16.21 27.57 -25.03
N GLY B 284 16.27 26.40 -24.42
CA GLY B 284 15.16 25.93 -23.62
C GLY B 284 15.28 24.51 -23.09
N HIS B 285 14.25 23.71 -23.34
CA HIS B 285 14.19 22.32 -22.86
C HIS B 285 14.17 21.30 -24.00
N ASP B 286 14.93 20.22 -23.83
CA ASP B 286 14.98 19.14 -24.82
C ASP B 286 15.41 17.87 -24.10
N PRO B 287 14.48 16.92 -23.91
CA PRO B 287 14.77 15.66 -23.22
C PRO B 287 15.75 14.77 -23.98
N GLN B 288 16.13 15.19 -25.18
CA GLN B 288 17.07 14.41 -25.98
C GLN B 288 18.49 14.95 -25.93
N THR B 289 18.64 16.27 -26.10
CA THR B 289 19.95 16.90 -26.13
C THR B 289 20.30 17.77 -24.91
N GLY B 290 19.30 18.15 -24.13
CA GLY B 290 19.54 19.00 -22.97
C GLY B 290 20.39 18.37 -21.88
N GLU B 291 21.01 19.22 -21.07
CA GLU B 291 21.83 18.75 -19.96
C GLU B 291 20.89 18.56 -18.76
N VAL B 292 21.22 17.60 -17.90
CA VAL B 292 20.38 17.32 -16.75
C VAL B 292 20.51 18.37 -15.64
N PHE B 293 19.38 18.94 -15.28
CA PHE B 293 19.30 19.93 -14.20
C PHE B 293 18.23 19.42 -13.26
N VAL B 294 18.39 19.71 -11.97
CA VAL B 294 17.41 19.30 -10.97
C VAL B 294 17.13 20.46 -10.04
N THR B 295 15.85 20.79 -9.84
CA THR B 295 15.52 21.86 -8.90
C THR B 295 14.88 21.14 -7.72
N LEU B 296 15.14 21.63 -6.52
CA LEU B 296 14.61 20.98 -5.33
C LEU B 296 14.68 21.88 -4.12
N GLY B 297 13.90 21.51 -3.12
CA GLY B 297 13.90 22.24 -1.88
C GLY B 297 14.62 21.32 -0.89
N THR B 298 15.34 21.91 0.05
CA THR B 298 16.03 21.13 1.05
C THR B 298 15.64 21.72 2.40
N GLU B 299 15.38 20.85 3.37
CA GLU B 299 14.98 21.28 4.70
C GLU B 299 16.17 21.24 5.65
N GLY B 300 16.48 22.37 6.26
CA GLY B 300 17.62 22.43 7.16
C GLY B 300 17.25 22.79 8.59
N SER B 301 18.26 22.81 9.45
CA SER B 301 18.07 23.14 10.85
C SER B 301 19.41 23.34 11.53
N GLY B 302 19.41 24.19 12.54
CA GLY B 302 20.63 24.40 13.30
C GLY B 302 20.58 23.38 14.41
N LEU B 303 21.55 23.43 15.32
CA LEU B 303 21.58 22.52 16.44
C LEU B 303 21.45 23.33 17.72
N PRO B 304 20.69 22.82 18.71
CA PRO B 304 19.96 21.55 18.68
C PRO B 304 18.73 21.58 17.79
N ILE B 305 18.34 20.40 17.31
CA ILE B 305 17.17 20.25 16.45
C ILE B 305 15.89 20.36 17.26
N VAL B 306 14.90 21.05 16.70
CA VAL B 306 13.60 21.19 17.37
C VAL B 306 12.65 20.34 16.53
N PRO B 307 12.45 19.06 16.92
CA PRO B 307 11.57 18.15 16.20
C PRO B 307 10.30 18.79 15.67
N GLN B 308 10.02 18.51 14.39
CA GLN B 308 8.87 19.02 13.67
C GLN B 308 9.04 20.45 13.19
N VAL B 309 10.27 20.94 13.25
CA VAL B 309 10.57 22.28 12.78
C VAL B 309 11.77 22.27 11.85
N SER B 310 11.57 22.78 10.64
CA SER B 310 12.63 22.91 9.63
C SER B 310 12.91 24.41 9.63
N SER B 311 14.04 24.80 10.19
CA SER B 311 14.39 26.21 10.32
C SER B 311 14.82 26.86 9.01
N ILE B 312 15.28 26.04 8.06
CA ILE B 312 15.75 26.54 6.77
C ILE B 312 15.08 25.82 5.60
N HIS B 313 14.57 26.60 4.65
CA HIS B 313 13.93 26.04 3.45
C HIS B 313 14.66 26.62 2.23
N ASP B 314 15.69 25.92 1.75
CA ASP B 314 16.46 26.38 0.58
C ASP B 314 15.89 25.92 -0.75
N MET B 315 15.78 26.85 -1.70
CA MET B 315 15.25 26.57 -3.03
C MET B 315 16.44 26.45 -3.98
N LEU B 316 16.98 25.23 -4.07
CA LEU B 316 18.16 24.95 -4.88
C LEU B 316 17.96 24.36 -6.26
N TRP B 317 19.09 24.26 -6.97
CA TRP B 317 19.15 23.65 -8.29
C TRP B 317 20.55 23.07 -8.44
N ALA B 318 20.65 21.98 -9.19
CA ALA B 318 21.95 21.37 -9.44
C ALA B 318 21.94 20.89 -10.89
N ALA B 319 23.14 20.82 -11.47
CA ALA B 319 23.31 20.36 -12.85
C ALA B 319 24.43 19.33 -12.83
N GLY B 320 24.38 18.38 -13.74
CA GLY B 320 25.41 17.36 -13.76
C GLY B 320 25.13 16.34 -14.84
N GLU B 321 25.70 15.16 -14.68
CA GLU B 321 25.48 14.11 -15.66
C GLU B 321 24.88 12.88 -15.00
N VAL B 322 24.27 12.03 -15.81
CA VAL B 322 23.67 10.80 -15.33
C VAL B 322 24.40 9.63 -15.96
N GLY B 323 24.77 8.66 -15.14
CA GLY B 323 25.48 7.50 -15.63
C GLY B 323 24.90 6.18 -15.14
N VAL B 324 25.52 5.08 -15.54
CA VAL B 324 25.08 3.76 -15.13
C VAL B 324 25.23 3.61 -13.62
N GLY B 325 24.38 2.77 -13.03
CA GLY B 325 24.42 2.57 -11.60
C GLY B 325 25.63 1.85 -11.04
N SER B 326 26.81 2.41 -11.29
CA SER B 326 28.06 1.83 -10.79
C SER B 326 28.06 0.30 -10.91
N GLU B 327 28.94 -0.33 -10.13
CA GLU B 327 29.07 -1.79 -10.15
C GLU B 327 28.35 -2.37 -8.95
N GLN B 328 28.32 -1.61 -7.85
CA GLN B 328 27.66 -2.04 -6.63
C GLN B 328 26.18 -2.33 -6.90
N GLU B 329 25.52 -2.94 -5.92
CA GLU B 329 24.11 -3.27 -6.10
C GLU B 329 23.23 -2.19 -5.47
N GLY B 330 23.15 -1.04 -6.15
CA GLY B 330 22.34 0.06 -5.67
C GLY B 330 21.41 0.56 -6.75
N ALA B 331 21.46 1.86 -7.02
CA ALA B 331 20.62 2.47 -8.05
C ALA B 331 21.11 2.08 -9.43
N LYS B 332 20.17 1.92 -10.37
CA LYS B 332 20.52 1.54 -11.73
C LYS B 332 21.16 2.68 -12.51
N VAL B 333 20.89 3.91 -12.09
CA VAL B 333 21.45 5.10 -12.71
C VAL B 333 21.74 6.08 -11.58
N GLU B 334 22.66 7.01 -11.81
CA GLU B 334 23.03 7.98 -10.78
C GLU B 334 23.26 9.38 -11.35
N PHE B 335 22.87 10.38 -10.56
CA PHE B 335 23.04 11.77 -10.96
C PHE B 335 24.17 12.36 -10.15
N SER B 336 25.17 12.92 -10.82
CA SER B 336 26.30 13.52 -10.14
C SER B 336 26.38 15.01 -10.40
N PRO B 337 26.18 15.83 -9.37
CA PRO B 337 26.23 17.29 -9.48
C PRO B 337 27.60 17.79 -9.93
N SER B 338 27.62 18.73 -10.86
CA SER B 338 28.88 19.30 -11.33
C SER B 338 28.88 20.77 -10.92
N MET B 339 27.70 21.27 -10.55
CA MET B 339 27.54 22.64 -10.10
C MET B 339 26.16 22.81 -9.48
N ALA B 340 26.02 23.76 -8.56
CA ALA B 340 24.74 24.00 -7.91
C ALA B 340 24.63 25.41 -7.38
N GLY B 341 23.39 25.82 -7.07
CA GLY B 341 23.13 27.14 -6.56
C GLY B 341 21.68 27.27 -6.12
N PHE B 342 21.17 28.50 -6.14
CA PHE B 342 19.78 28.77 -5.74
C PHE B 342 18.93 29.23 -6.91
N LEU B 343 17.70 28.71 -6.97
CA LEU B 343 16.74 29.12 -8.00
C LEU B 343 16.17 30.46 -7.50
N ASP B 344 16.14 30.62 -6.17
CA ASP B 344 15.70 31.85 -5.53
C ASP B 344 16.29 31.90 -4.12
N TRP B 345 17.02 32.97 -3.83
CA TRP B 345 17.67 33.12 -2.54
C TRP B 345 16.77 33.60 -1.41
N GLY B 346 15.49 33.84 -1.73
CA GLY B 346 14.57 34.31 -0.71
C GLY B 346 14.30 33.29 0.39
N PHE B 347 14.29 33.76 1.63
CA PHE B 347 14.02 32.90 2.78
C PHE B 347 12.69 32.18 2.60
N SER B 348 11.69 32.96 2.19
CA SER B 348 10.34 32.46 1.99
C SER B 348 10.05 31.87 0.61
N ALA B 349 11.09 31.77 -0.22
CA ALA B 349 10.94 31.21 -1.56
C ALA B 349 11.22 29.71 -1.45
N TYR B 350 10.38 28.88 -2.05
CA TYR B 350 10.55 27.42 -1.92
C TYR B 350 9.60 26.61 -2.80
N ALA B 351 9.74 25.29 -2.73
CA ALA B 351 8.88 24.33 -3.43
C ALA B 351 8.54 24.59 -4.89
N ALA B 352 9.53 24.99 -5.68
CA ALA B 352 9.28 25.26 -7.09
C ALA B 352 8.69 24.06 -7.85
N ALA B 353 7.65 24.32 -8.63
CA ALA B 353 7.02 23.28 -9.45
C ALA B 353 6.96 23.83 -10.88
N GLY B 354 7.63 23.13 -11.79
CA GLY B 354 7.65 23.57 -13.17
C GLY B 354 7.14 22.52 -14.14
N LYS B 355 7.21 22.82 -15.43
CA LYS B 355 6.74 21.90 -16.44
C LYS B 355 7.24 22.33 -17.81
N VAL B 356 7.44 21.36 -18.69
CA VAL B 356 7.87 21.68 -20.05
C VAL B 356 6.70 22.36 -20.72
N LEU B 357 6.96 23.49 -21.36
CA LEU B 357 5.93 24.23 -22.09
C LEU B 357 6.27 24.07 -23.56
N PRO B 358 5.56 23.18 -24.26
CA PRO B 358 5.76 22.89 -25.68
C PRO B 358 5.58 24.08 -26.62
N ALA B 359 6.35 24.08 -27.71
CA ALA B 359 6.24 25.13 -28.70
C ALA B 359 4.88 24.95 -29.37
N SER B 360 4.28 23.78 -29.16
CA SER B 360 2.98 23.48 -29.75
C SER B 360 1.83 23.95 -28.86
N SER B 361 2.15 24.56 -27.73
CA SER B 361 1.12 25.05 -26.82
C SER B 361 0.42 26.26 -27.44
N ALA B 362 -0.75 26.62 -26.92
CA ALA B 362 -1.47 27.76 -27.44
C ALA B 362 -0.69 29.01 -27.03
N VAL B 363 0.06 28.89 -25.94
CA VAL B 363 0.85 30.00 -25.43
C VAL B 363 1.99 30.35 -26.38
N SER B 364 2.83 29.36 -26.68
CA SER B 364 3.97 29.56 -27.57
C SER B 364 3.54 29.90 -28.99
N LYS B 365 2.43 29.30 -29.44
CA LYS B 365 1.93 29.58 -30.79
C LYS B 365 1.63 31.07 -30.90
N THR B 366 0.90 31.60 -29.92
CA THR B 366 0.53 33.01 -29.91
C THR B 366 1.74 33.96 -29.87
N SER B 367 2.68 33.69 -28.98
CA SER B 367 3.87 34.54 -28.83
C SER B 367 4.94 34.27 -29.89
N GLY B 368 4.69 33.32 -30.77
CA GLY B 368 5.65 33.02 -31.82
C GLY B 368 6.92 32.32 -31.35
N VAL B 369 6.87 31.63 -30.22
CA VAL B 369 8.03 30.93 -29.70
C VAL B 369 8.15 29.58 -30.44
N GLU B 370 9.30 29.33 -31.04
CA GLU B 370 9.50 28.09 -31.81
C GLU B 370 10.16 26.93 -31.09
N VAL B 371 10.54 27.11 -29.84
CA VAL B 371 11.18 26.01 -29.12
C VAL B 371 10.40 25.62 -27.88
N ASP B 372 10.75 24.48 -27.30
CA ASP B 372 10.10 24.02 -26.08
C ASP B 372 10.82 24.71 -24.94
N ARG B 373 10.08 25.09 -23.91
CA ARG B 373 10.65 25.77 -22.77
C ARG B 373 10.31 25.02 -21.50
N TYR B 374 10.94 25.42 -20.40
CA TYR B 374 10.64 24.84 -19.11
C TYR B 374 10.29 26.04 -18.24
N VAL B 375 9.04 26.14 -17.83
CA VAL B 375 8.57 27.24 -17.00
C VAL B 375 8.46 26.75 -15.57
N SER B 376 9.07 27.48 -14.64
CA SER B 376 9.07 27.12 -13.23
C SER B 376 8.31 28.13 -12.36
N PHE B 377 7.47 27.63 -11.48
CA PHE B 377 6.64 28.43 -10.57
C PHE B 377 7.14 28.26 -9.14
N VAL B 378 7.73 29.31 -8.57
CA VAL B 378 8.26 29.24 -7.21
C VAL B 378 7.25 29.74 -6.18
N TRP B 379 7.18 29.05 -5.05
CA TRP B 379 6.26 29.40 -3.95
C TRP B 379 6.87 30.43 -3.00
N LEU B 380 6.03 31.36 -2.56
CA LEU B 380 6.44 32.37 -1.60
C LEU B 380 5.47 32.22 -0.43
N THR B 381 5.85 31.41 0.56
CA THR B 381 5.00 31.19 1.72
C THR B 381 4.63 32.54 2.33
N GLY B 382 3.38 32.68 2.74
CA GLY B 382 2.94 33.96 3.29
C GLY B 382 3.27 34.15 4.75
N ASP B 383 3.52 33.05 5.47
CA ASP B 383 3.77 33.12 6.90
C ASP B 383 5.00 32.37 7.39
N GLN B 384 6.11 32.48 6.66
CA GLN B 384 7.33 31.81 7.06
C GLN B 384 7.08 30.33 7.35
N TYR B 385 6.38 29.67 6.45
CA TYR B 385 6.10 28.24 6.59
C TYR B 385 5.36 27.94 7.91
N GLU B 386 4.41 28.82 8.24
CA GLU B 386 3.60 28.71 9.44
C GLU B 386 4.40 28.84 10.73
N GLN B 387 5.51 29.58 10.68
CA GLN B 387 6.30 29.81 11.88
C GLN B 387 6.27 31.28 12.27
N ALA B 388 5.45 32.07 11.57
CA ALA B 388 5.34 33.50 11.86
C ALA B 388 4.88 33.73 13.28
N ASP B 389 5.35 34.80 13.90
CA ASP B 389 4.97 35.14 15.26
C ASP B 389 3.65 35.91 15.24
N GLY B 390 2.56 35.18 15.07
CA GLY B 390 1.25 35.79 15.04
C GLY B 390 0.92 36.74 13.90
N PHE B 391 1.16 36.34 12.66
CA PHE B 391 0.84 37.19 11.51
C PHE B 391 -0.68 37.44 11.51
N PRO B 392 -1.12 38.65 11.13
CA PRO B 392 -2.55 38.97 11.11
C PRO B 392 -3.30 38.31 9.94
N THR B 393 -3.30 36.97 9.95
CA THR B 393 -3.94 36.18 8.89
C THR B 393 -5.44 36.37 8.73
N ALA B 394 -6.20 36.34 9.83
CA ALA B 394 -7.64 36.52 9.75
C ALA B 394 -7.95 37.92 9.18
N GLN B 395 -7.11 38.88 9.52
CA GLN B 395 -7.26 40.25 9.04
C GLN B 395 -7.02 40.34 7.54
N GLN B 396 -5.99 39.64 7.07
CA GLN B 396 -5.64 39.65 5.66
C GLN B 396 -6.61 38.86 4.78
N GLY B 397 -7.12 37.74 5.29
CA GLY B 397 -8.05 36.92 4.53
C GLY B 397 -7.43 36.06 3.44
N TRP B 398 -6.10 36.08 3.35
CA TRP B 398 -5.37 35.31 2.35
C TRP B 398 -3.93 35.13 2.85
N THR B 399 -3.24 34.14 2.31
CA THR B 399 -1.87 33.83 2.74
C THR B 399 -1.05 33.21 1.61
N GLY B 400 0.08 33.84 1.28
CA GLY B 400 0.94 33.31 0.25
C GLY B 400 0.62 33.71 -1.18
N SER B 401 1.56 33.40 -2.06
CA SER B 401 1.43 33.70 -3.48
C SER B 401 2.54 32.95 -4.21
N LEU B 402 2.40 32.80 -5.51
CA LEU B 402 3.44 32.17 -6.29
C LEU B 402 4.23 33.32 -6.87
N LEU B 403 5.48 33.07 -7.27
CA LEU B 403 6.27 34.12 -7.87
C LEU B 403 5.98 34.11 -9.37
N LEU B 404 6.51 35.10 -10.08
CA LEU B 404 6.30 35.18 -11.52
C LEU B 404 6.84 33.93 -12.21
N PRO B 405 6.14 33.44 -13.25
CA PRO B 405 6.61 32.26 -13.97
C PRO B 405 8.00 32.58 -14.50
N ARG B 406 8.93 31.64 -14.37
CA ARG B 406 10.30 31.86 -14.84
C ARG B 406 10.74 30.81 -15.85
N GLU B 407 11.44 31.27 -16.89
CA GLU B 407 11.96 30.38 -17.92
C GLU B 407 13.33 29.88 -17.44
N LEU B 408 13.56 28.59 -17.57
CA LEU B 408 14.82 28.00 -17.15
C LEU B 408 15.55 27.44 -18.37
N LYS B 409 16.83 27.75 -18.49
CA LYS B 409 17.62 27.26 -19.61
C LYS B 409 19.09 27.31 -19.23
N VAL B 410 19.95 26.98 -20.17
CA VAL B 410 21.38 27.02 -19.91
C VAL B 410 21.86 28.42 -20.25
N GLN B 411 22.35 29.15 -19.26
CA GLN B 411 22.84 30.49 -19.51
C GLN B 411 24.33 30.46 -19.74
N THR B 412 24.78 31.26 -20.70
CA THR B 412 26.18 31.34 -21.01
C THR B 412 26.68 32.74 -20.68
N VAL B 413 27.90 32.81 -20.13
CA VAL B 413 28.52 34.07 -19.79
C VAL B 413 29.82 34.05 -20.59
N GLU B 414 29.82 34.79 -21.69
CA GLU B 414 30.97 34.84 -22.60
C GLU B 414 32.01 35.89 -22.27
N ASN B 415 33.20 35.71 -22.84
CA ASN B 415 34.29 36.66 -22.66
C ASN B 415 34.63 36.89 -21.19
N VAL B 416 34.71 35.81 -20.43
CA VAL B 416 35.03 35.90 -19.02
C VAL B 416 36.51 35.63 -18.81
N VAL B 417 37.18 36.55 -18.11
CA VAL B 417 38.59 36.40 -17.83
C VAL B 417 38.78 35.14 -16.99
N ASP B 418 39.47 34.16 -17.55
CA ASP B 418 39.70 32.89 -16.88
C ASP B 418 40.69 33.03 -15.72
N ASN B 419 40.21 33.52 -14.59
CA ASN B 419 41.05 33.70 -13.39
C ASN B 419 40.48 32.94 -12.19
N GLU B 420 41.02 33.23 -11.01
CA GLU B 420 40.57 32.55 -9.79
C GLU B 420 39.08 32.71 -9.51
N LEU B 421 38.52 33.87 -9.87
CA LEU B 421 37.10 34.11 -9.66
C LEU B 421 36.28 33.05 -10.38
N VAL B 422 36.83 32.54 -11.47
CA VAL B 422 36.17 31.51 -12.29
C VAL B 422 36.46 30.10 -11.79
N ARG B 423 37.72 29.82 -11.46
CA ARG B 423 38.15 28.50 -11.03
C ARG B 423 37.91 28.04 -9.59
N GLU B 424 37.18 28.84 -8.81
CA GLU B 424 36.89 28.48 -7.42
C GLU B 424 36.14 27.14 -7.38
N GLU B 425 36.18 26.45 -6.24
CA GLU B 425 35.51 25.16 -6.12
C GLU B 425 34.15 25.25 -5.43
N GLY B 426 33.30 24.26 -5.70
CA GLY B 426 31.96 24.23 -5.10
C GLY B 426 31.24 25.51 -5.49
N VAL B 427 31.11 25.69 -6.80
CA VAL B 427 30.50 26.89 -7.35
C VAL B 427 29.20 26.66 -8.17
N SER B 428 28.60 27.73 -8.67
CA SER B 428 27.36 27.64 -9.43
C SER B 428 27.50 27.75 -10.95
N TRP B 429 28.65 27.36 -11.45
CA TRP B 429 28.90 27.44 -12.89
C TRP B 429 30.06 26.53 -13.28
N VAL B 430 30.20 26.26 -14.57
CA VAL B 430 31.28 25.44 -15.08
C VAL B 430 31.79 26.10 -16.35
N VAL B 431 33.02 25.78 -16.73
CA VAL B 431 33.62 26.36 -17.93
C VAL B 431 33.19 25.58 -19.17
N GLY B 432 32.46 26.25 -20.05
CA GLY B 432 31.99 25.59 -21.26
C GLY B 432 33.07 25.53 -22.32
N GLU B 433 34.01 26.46 -22.26
CA GLU B 433 35.11 26.54 -23.22
C GLU B 433 36.11 27.59 -22.73
N SER B 434 37.40 27.33 -22.94
CA SER B 434 38.41 28.29 -22.50
C SER B 434 39.71 28.17 -23.30
N ASP B 435 40.53 29.22 -23.23
CA ASP B 435 41.81 29.27 -23.92
C ASP B 435 42.89 29.81 -22.97
N ASN B 436 42.68 29.62 -21.68
CA ASN B 436 43.62 30.11 -20.67
C ASN B 436 43.61 31.63 -20.59
N GLN B 437 42.92 32.26 -21.53
CA GLN B 437 42.82 33.71 -21.57
C GLN B 437 41.40 34.14 -21.19
N THR B 438 40.43 33.74 -21.99
CA THR B 438 39.04 34.06 -21.71
C THR B 438 38.23 32.77 -21.87
N ALA B 439 37.18 32.64 -21.08
CA ALA B 439 36.37 31.43 -21.14
C ALA B 439 34.89 31.76 -21.22
N THR B 440 34.09 30.75 -21.53
CA THR B 440 32.65 30.90 -21.63
C THR B 440 32.06 30.03 -20.52
N LEU B 441 31.39 30.69 -19.58
CA LEU B 441 30.78 30.00 -18.45
C LEU B 441 29.41 29.44 -18.78
N ARG B 442 29.01 28.40 -18.05
CA ARG B 442 27.70 27.79 -18.22
C ARG B 442 27.06 27.69 -16.84
N THR B 443 25.80 28.08 -16.76
CA THR B 443 25.08 28.05 -15.48
C THR B 443 23.58 28.00 -15.76
N LEU B 444 22.79 27.98 -14.71
CA LEU B 444 21.34 27.93 -14.86
C LEU B 444 20.86 29.33 -15.22
N GLY B 445 20.15 29.45 -16.35
CA GLY B 445 19.62 30.75 -16.75
C GLY B 445 18.25 30.96 -16.12
N ILE B 446 18.04 32.13 -15.51
CA ILE B 446 16.77 32.42 -14.84
C ILE B 446 16.18 33.75 -15.30
N THR B 447 15.06 33.70 -16.02
CA THR B 447 14.43 34.92 -16.49
C THR B 447 12.90 34.85 -16.34
N ILE B 448 12.25 36.01 -16.34
CA ILE B 448 10.79 36.06 -16.25
C ILE B 448 10.24 35.52 -17.56
N ALA B 449 9.20 34.69 -17.50
CA ALA B 449 8.63 34.16 -18.74
C ALA B 449 8.34 35.35 -19.63
N ARG B 450 8.95 35.36 -20.83
CA ARG B 450 8.82 36.46 -21.77
C ARG B 450 7.42 37.07 -21.92
N GLU B 451 6.38 36.25 -21.95
CA GLU B 451 5.03 36.78 -22.09
C GLU B 451 4.60 37.52 -20.82
N THR B 452 5.07 37.06 -19.68
CA THR B 452 4.74 37.72 -18.43
C THR B 452 5.51 39.03 -18.33
N LYS B 453 6.76 39.02 -18.78
CA LYS B 453 7.56 40.24 -18.71
C LYS B 453 6.91 41.28 -19.62
N ALA B 454 6.53 40.86 -20.83
CA ALA B 454 5.88 41.75 -21.78
C ALA B 454 4.59 42.34 -21.22
N ALA B 455 3.74 41.49 -20.64
CA ALA B 455 2.48 41.97 -20.08
C ALA B 455 2.73 42.96 -18.94
N LEU B 456 3.75 42.69 -18.13
CA LEU B 456 4.07 43.58 -17.02
C LEU B 456 4.40 45.00 -17.55
N LEU B 457 5.02 45.07 -18.73
CA LEU B 457 5.40 46.36 -19.31
C LEU B 457 4.45 46.92 -20.37
N ALA B 458 3.58 46.06 -20.89
CA ALA B 458 2.64 46.45 -21.95
C ALA B 458 1.94 47.81 -21.77
N ASN B 459 1.16 47.95 -20.71
CA ASN B 459 0.43 49.19 -20.50
C ASN B 459 0.96 50.04 -19.37
N GLY B 460 2.28 49.97 -19.15
CA GLY B 460 2.88 50.73 -18.08
C GLY B 460 3.42 52.10 -18.48
N SER B 461 3.43 53.00 -17.51
CA SER B 461 3.94 54.35 -17.72
C SER B 461 5.45 54.29 -17.54
N VAL B 462 6.20 54.82 -18.51
CA VAL B 462 7.65 54.78 -18.45
C VAL B 462 8.33 56.08 -18.01
N THR B 463 9.20 55.98 -17.02
CA THR B 463 9.93 57.15 -16.52
C THR B 463 11.40 56.80 -16.33
N ALA B 464 12.26 57.45 -17.11
CA ALA B 464 13.70 57.21 -17.05
C ALA B 464 14.41 58.21 -16.14
N GLU B 465 15.59 57.83 -15.66
CA GLU B 465 16.40 58.71 -14.81
C GLU B 465 17.73 58.92 -15.52
N GLU B 466 18.33 60.09 -15.33
CA GLU B 466 19.61 60.40 -15.97
C GLU B 466 20.73 59.53 -15.43
N ASP B 467 21.65 59.14 -16.31
CA ASP B 467 22.80 58.35 -15.92
C ASP B 467 23.48 59.12 -14.80
N ARG B 468 24.01 58.41 -13.81
CA ARG B 468 24.66 59.06 -12.68
C ARG B 468 25.81 58.27 -12.11
N THR B 469 26.76 58.99 -11.50
CA THR B 469 27.92 58.38 -10.89
C THR B 469 28.04 58.89 -9.45
N LEU B 470 28.00 57.96 -8.49
CA LEU B 470 28.12 58.34 -7.08
C LEU B 470 29.45 57.87 -6.54
N GLN B 471 30.10 58.73 -5.76
CA GLN B 471 31.39 58.38 -5.17
C GLN B 471 31.31 58.53 -3.65
N THR B 472 30.94 59.68 -3.13
CA THR B 472 30.73 59.99 -1.72
C THR B 472 29.37 59.42 -1.30
N ALA B 473 29.15 59.05 -0.09
CA ALA B 473 27.92 58.46 0.42
C ALA B 473 26.74 59.37 0.08
N ALA B 474 25.66 58.79 -0.42
CA ALA B 474 24.51 59.58 -0.79
C ALA B 474 23.23 58.78 -0.97
N VAL B 475 22.11 59.49 -0.86
CA VAL B 475 20.78 58.92 -1.04
C VAL B 475 20.09 60.01 -1.86
N VAL B 476 19.95 59.77 -3.16
CA VAL B 476 19.36 60.75 -4.05
C VAL B 476 18.01 60.31 -4.60
N PRO B 477 16.95 61.09 -4.30
CA PRO B 477 15.63 60.71 -4.79
C PRO B 477 15.54 60.80 -6.31
N PHE B 478 14.71 59.95 -6.89
CA PHE B 478 14.52 59.97 -8.33
C PHE B 478 13.87 61.32 -8.65
N ALA B 479 14.04 61.79 -9.88
CA ALA B 479 13.46 63.06 -10.30
C ALA B 479 11.94 62.97 -10.27
N GLN B 480 11.44 61.75 -10.41
CA GLN B 480 10.01 61.47 -10.38
C GLN B 480 9.87 60.01 -9.99
N SER B 481 9.19 59.74 -8.87
CA SER B 481 8.99 58.37 -8.41
C SER B 481 7.56 57.94 -8.71
N PRO B 482 7.29 56.62 -8.70
CA PRO B 482 5.93 56.15 -8.98
C PRO B 482 4.98 56.62 -7.88
N SER B 483 3.68 56.57 -8.16
CA SER B 483 2.69 56.99 -7.18
C SER B 483 1.98 55.78 -6.56
N SER B 484 2.39 54.59 -6.95
CA SER B 484 1.79 53.37 -6.44
C SER B 484 2.88 52.33 -6.19
N LYS B 485 2.49 51.19 -5.66
CA LYS B 485 3.45 50.14 -5.36
C LYS B 485 3.44 49.01 -6.38
N PHE B 486 3.18 49.35 -7.64
CA PHE B 486 3.14 48.38 -8.73
C PHE B 486 4.04 48.91 -9.84
N PHE B 487 5.27 48.44 -9.89
CA PHE B 487 6.19 48.93 -10.91
C PHE B 487 7.35 47.99 -11.14
N VAL B 488 8.08 48.23 -12.22
CA VAL B 488 9.25 47.45 -12.53
C VAL B 488 10.40 48.44 -12.64
N LEU B 489 11.42 48.23 -11.81
CA LEU B 489 12.60 49.07 -11.81
C LEU B 489 13.72 48.31 -12.49
N THR B 490 14.36 48.95 -13.46
CA THR B 490 15.49 48.32 -14.16
C THR B 490 16.67 49.27 -14.09
N ALA B 491 17.87 48.72 -14.00
CA ALA B 491 19.06 49.54 -13.91
C ALA B 491 20.32 48.71 -14.06
N GLN B 492 21.40 49.37 -14.47
CA GLN B 492 22.69 48.71 -14.63
C GLN B 492 23.67 49.47 -13.76
N LEU B 493 24.42 48.74 -12.94
CA LEU B 493 25.42 49.34 -12.08
C LEU B 493 26.81 48.90 -12.53
N GLU B 494 27.67 49.87 -12.83
CA GLU B 494 29.03 49.57 -13.27
C GLU B 494 30.00 49.90 -12.13
N PHE B 495 30.81 48.92 -11.77
CA PHE B 495 31.77 49.06 -10.69
C PHE B 495 33.22 49.01 -11.16
N PRO B 496 34.13 49.67 -10.44
CA PRO B 496 35.54 49.65 -10.82
C PRO B 496 36.19 48.40 -10.20
N ALA B 497 37.22 47.88 -10.87
CA ALA B 497 37.91 46.70 -10.36
C ALA B 497 38.38 46.88 -8.92
N SER B 498 38.61 48.13 -8.52
CA SER B 498 39.06 48.42 -7.15
C SER B 498 37.94 48.27 -6.11
N ALA B 499 36.71 48.11 -6.59
CA ALA B 499 35.57 47.96 -5.68
C ALA B 499 35.49 46.57 -5.04
N ARG B 500 36.06 45.56 -5.70
CA ARG B 500 36.02 44.20 -5.17
C ARG B 500 36.47 44.08 -3.73
N SER B 501 37.55 44.77 -3.38
CA SER B 501 38.09 44.70 -2.02
C SER B 501 37.55 45.78 -1.09
N SER B 502 36.58 46.56 -1.56
CA SER B 502 36.02 47.63 -0.75
C SER B 502 34.74 47.23 -0.03
N PRO B 503 34.37 48.00 1.01
CA PRO B 503 33.16 47.73 1.79
C PRO B 503 31.98 48.38 1.08
N LEU B 504 32.12 48.56 -0.24
CA LEU B 504 31.08 49.19 -1.04
C LEU B 504 29.70 48.55 -0.96
N GLN B 505 28.69 49.40 -0.99
CA GLN B 505 27.27 49.01 -0.98
C GLN B 505 26.61 50.07 -1.86
N SER B 506 26.08 49.65 -3.00
CA SER B 506 25.42 50.56 -3.93
C SER B 506 24.12 49.94 -4.44
N GLY B 507 23.07 50.74 -4.51
CA GLY B 507 21.80 50.24 -5.01
C GLY B 507 20.69 51.29 -4.98
N PHE B 508 19.52 50.88 -4.48
CA PHE B 508 18.36 51.77 -4.41
C PHE B 508 17.57 51.60 -3.13
N GLU B 509 16.77 52.62 -2.83
CA GLU B 509 15.87 52.61 -1.70
C GLU B 509 14.51 52.68 -2.38
N ILE B 510 13.64 51.71 -2.08
CA ILE B 510 12.32 51.70 -2.70
C ILE B 510 11.20 51.70 -1.67
N LEU B 511 9.96 51.85 -2.15
CA LEU B 511 8.78 51.89 -1.30
C LEU B 511 9.11 52.78 -0.12
N ALA B 512 9.60 53.99 -0.41
CA ALA B 512 10.02 54.91 0.64
C ALA B 512 9.24 56.19 0.87
N SER B 513 9.34 56.65 2.11
CA SER B 513 8.68 57.86 2.58
C SER B 513 9.46 58.21 3.83
N GLU B 514 8.98 59.16 4.63
CA GLU B 514 9.71 59.54 5.82
C GLU B 514 9.88 58.39 6.81
N LEU B 515 8.78 57.70 7.10
CA LEU B 515 8.80 56.63 8.09
C LEU B 515 9.05 55.21 7.58
N GLU B 516 9.24 55.04 6.28
CA GLU B 516 9.48 53.69 5.75
C GLU B 516 10.38 53.70 4.53
N ARG B 517 11.09 52.61 4.33
CA ARG B 517 11.96 52.42 3.17
C ARG B 517 12.47 51.00 3.15
N THR B 518 12.75 50.50 1.96
CA THR B 518 13.28 49.17 1.73
C THR B 518 14.51 49.37 0.85
N ALA B 519 15.66 48.88 1.31
CA ALA B 519 16.89 49.04 0.57
C ALA B 519 17.31 47.79 -0.15
N ILE B 520 17.71 47.96 -1.41
CA ILE B 520 18.19 46.86 -2.24
C ILE B 520 19.55 47.29 -2.74
N TYR B 521 20.60 46.56 -2.40
CA TYR B 521 21.92 46.97 -2.83
C TYR B 521 22.92 45.84 -3.01
N TYR B 522 23.95 46.11 -3.80
CA TYR B 522 25.00 45.12 -4.01
C TYR B 522 26.09 45.39 -2.99
N GLN B 523 26.74 44.33 -2.54
CA GLN B 523 27.80 44.43 -1.53
C GLN B 523 28.95 43.54 -1.99
N PHE B 524 30.14 44.13 -2.17
CA PHE B 524 31.28 43.32 -2.59
C PHE B 524 31.90 42.49 -1.48
N SER B 525 31.81 42.98 -0.24
CA SER B 525 32.39 42.25 0.89
C SER B 525 32.09 40.75 0.79
N ASN B 526 30.84 40.40 0.52
CA ASN B 526 30.50 38.98 0.38
C ASN B 526 29.80 38.70 -0.95
N GLU B 527 30.03 39.59 -1.91
CA GLU B 527 29.47 39.48 -3.26
C GLU B 527 27.99 39.09 -3.23
N SER B 528 27.16 39.92 -2.61
CA SER B 528 25.74 39.59 -2.51
C SER B 528 24.80 40.74 -2.77
N LEU B 529 23.61 40.41 -3.27
CA LEU B 529 22.56 41.39 -3.48
C LEU B 529 21.81 41.30 -2.16
N VAL B 530 21.51 42.43 -1.57
CA VAL B 530 20.87 42.46 -0.27
C VAL B 530 19.59 43.27 -0.17
N VAL B 531 18.60 42.71 0.53
CA VAL B 531 17.35 43.44 0.71
C VAL B 531 17.21 43.69 2.20
N ASP B 532 17.46 44.93 2.61
CA ASP B 532 17.38 45.35 4.00
C ASP B 532 15.94 45.77 4.24
N ARG B 533 15.25 45.06 5.13
CA ARG B 533 13.85 45.38 5.42
C ARG B 533 13.68 45.88 6.85
N SER B 534 14.78 46.34 7.44
CA SER B 534 14.75 46.83 8.81
C SER B 534 13.82 48.04 8.98
N GLN B 535 13.64 48.82 7.92
CA GLN B 535 12.78 50.00 7.98
C GLN B 535 11.60 49.87 7.03
N THR B 536 11.44 48.68 6.45
CA THR B 536 10.39 48.44 5.47
C THR B 536 8.97 48.75 5.90
N SER B 537 8.57 48.29 7.09
CA SER B 537 7.21 48.53 7.56
C SER B 537 7.06 49.22 8.91
N ALA B 538 6.35 50.34 8.90
CA ALA B 538 6.11 51.12 10.11
C ALA B 538 5.25 50.31 11.08
N ALA B 539 4.68 49.21 10.58
CA ALA B 539 3.84 48.36 11.40
C ALA B 539 4.58 47.18 12.04
N ALA B 540 5.74 46.85 11.48
CA ALA B 540 6.52 45.71 11.97
C ALA B 540 7.00 45.78 13.41
N PRO B 541 7.41 46.97 13.88
CA PRO B 541 7.87 47.10 15.27
C PRO B 541 7.00 46.43 16.34
N THR B 542 5.69 46.64 16.28
CA THR B 542 4.79 46.05 17.26
C THR B 542 4.04 44.83 16.74
N ASN B 543 4.37 44.41 15.52
CA ASN B 543 3.74 43.23 14.91
C ASN B 543 4.86 42.33 14.39
N PRO B 544 5.49 41.56 15.28
CA PRO B 544 6.58 40.65 14.93
C PRO B 544 6.24 39.65 13.84
N GLY B 545 4.94 39.51 13.56
CA GLY B 545 4.51 38.60 12.52
C GLY B 545 5.03 39.03 11.16
N LEU B 546 5.25 40.34 11.01
CA LEU B 546 5.77 40.90 9.77
C LEU B 546 7.30 40.80 9.87
N ASP B 547 7.86 39.74 9.32
CA ASP B 547 9.30 39.53 9.37
C ASP B 547 10.06 40.69 8.74
N SER B 548 11.13 41.12 9.41
CA SER B 548 11.94 42.24 8.94
C SER B 548 13.42 41.90 8.80
N PHE B 549 13.77 40.62 8.90
CA PHE B 549 15.17 40.25 8.80
C PHE B 549 15.70 40.48 7.39
N THR B 550 17.01 40.65 7.30
CA THR B 550 17.66 40.90 6.02
C THR B 550 17.66 39.67 5.10
N GLU B 551 17.38 39.91 3.82
CA GLU B 551 17.38 38.84 2.83
C GLU B 551 18.61 39.11 1.98
N SER B 552 19.21 38.06 1.42
CA SER B 552 20.40 38.25 0.58
C SER B 552 20.70 37.00 -0.24
N GLY B 553 21.41 37.21 -1.34
CA GLY B 553 21.78 36.13 -2.22
C GLY B 553 23.13 36.40 -2.85
N LYS B 554 23.92 35.36 -3.07
CA LYS B 554 25.24 35.49 -3.67
C LYS B 554 25.17 35.75 -5.17
N LEU B 555 25.99 36.68 -5.64
CA LEU B 555 26.06 37.02 -7.06
C LEU B 555 27.47 37.53 -7.37
N ARG B 556 28.26 36.72 -8.08
CA ARG B 556 29.59 37.13 -8.44
C ARG B 556 29.61 37.82 -9.80
N LEU B 557 30.22 39.00 -9.83
CA LEU B 557 30.36 39.76 -11.06
C LEU B 557 31.79 39.46 -11.50
N PHE B 558 31.94 38.63 -12.52
CA PHE B 558 33.26 38.23 -13.01
C PHE B 558 34.01 39.35 -13.73
N ASP B 559 35.27 39.07 -14.08
CA ASP B 559 36.07 40.03 -14.83
C ASP B 559 35.82 39.64 -16.28
N VAL B 560 35.50 40.61 -17.12
CA VAL B 560 35.22 40.32 -18.52
C VAL B 560 35.84 41.36 -19.46
N ILE B 561 35.93 40.99 -20.73
CA ILE B 561 36.47 41.88 -21.74
C ILE B 561 35.28 42.27 -22.63
N GLU B 562 34.96 43.56 -22.66
CA GLU B 562 33.84 44.02 -23.46
C GLU B 562 34.29 44.67 -24.75
N ASN B 563 35.43 45.36 -24.68
CA ASN B 563 35.98 46.03 -25.85
C ASN B 563 37.50 46.08 -25.74
N GLY B 564 38.12 44.91 -25.71
CA GLY B 564 39.56 44.85 -25.58
C GLY B 564 40.03 45.24 -24.19
N GLN B 565 39.16 45.95 -23.45
CA GLN B 565 39.49 46.39 -22.11
C GLN B 565 38.72 45.58 -21.06
N GLU B 566 39.43 45.14 -20.03
CA GLU B 566 38.84 44.37 -18.95
C GLU B 566 37.99 45.27 -18.06
N GLN B 567 36.92 44.71 -17.49
CA GLN B 567 36.04 45.47 -16.62
C GLN B 567 35.25 44.52 -15.74
N VAL B 568 34.74 45.03 -14.62
CA VAL B 568 33.92 44.20 -13.76
C VAL B 568 32.61 44.05 -14.52
N GLU B 569 32.12 42.82 -14.64
CA GLU B 569 30.86 42.56 -15.34
C GLU B 569 29.77 43.50 -14.84
N THR B 570 28.99 44.05 -15.76
CA THR B 570 27.90 44.95 -15.39
C THR B 570 26.82 44.23 -14.58
N LEU B 571 26.31 44.89 -13.54
CA LEU B 571 25.24 44.32 -12.72
C LEU B 571 23.94 44.76 -13.38
N ASP B 572 23.27 43.84 -14.04
CA ASP B 572 22.02 44.16 -14.73
C ASP B 572 20.81 43.81 -13.86
N LEU B 573 20.21 44.83 -13.26
CA LEU B 573 19.07 44.66 -12.36
C LEU B 573 17.68 44.90 -12.91
N THR B 574 16.76 44.03 -12.48
CA THR B 574 15.34 44.13 -12.83
C THR B 574 14.61 43.79 -11.55
N VAL B 575 13.95 44.80 -10.96
CA VAL B 575 13.23 44.58 -9.72
C VAL B 575 11.73 44.76 -9.94
N VAL B 576 10.97 43.68 -9.74
CA VAL B 576 9.53 43.74 -9.91
C VAL B 576 8.86 43.85 -8.56
N VAL B 577 8.08 44.90 -8.39
CA VAL B 577 7.37 45.15 -7.14
C VAL B 577 5.88 45.10 -7.44
N ASP B 578 5.20 44.10 -6.89
CA ASP B 578 3.74 43.98 -7.06
C ASP B 578 3.09 44.14 -5.70
N ASN B 579 2.89 45.49 -5.26
CA ASN B 579 2.48 45.66 -3.87
C ASN B 579 3.61 45.23 -2.93
N ALA B 580 3.29 44.20 -2.01
CA ALA B 580 4.32 43.69 -1.11
C ALA B 580 5.17 42.59 -1.73
N VAL B 581 4.82 41.98 -2.82
CA VAL B 581 5.67 40.93 -3.37
C VAL B 581 6.81 41.60 -4.13
N VAL B 582 8.05 41.40 -3.68
CA VAL B 582 9.22 41.99 -4.31
C VAL B 582 10.16 40.93 -4.88
N GLU B 583 10.43 40.99 -6.18
CA GLU B 583 11.32 40.04 -6.84
C GLU B 583 12.52 40.75 -7.49
N VAL B 584 13.72 40.37 -7.05
CA VAL B 584 14.95 40.97 -7.56
C VAL B 584 15.67 40.02 -8.53
N TYR B 585 15.76 40.43 -9.79
CA TYR B 585 16.40 39.63 -10.81
C TYR B 585 17.70 40.28 -11.24
N ALA B 586 18.69 39.48 -11.58
CA ALA B 586 19.97 40.03 -12.02
C ALA B 586 20.73 39.13 -13.01
N ASN B 587 21.33 39.78 -14.01
CA ASN B 587 22.13 39.11 -15.04
C ASN B 587 21.55 37.81 -15.61
N GLY B 588 20.23 37.69 -15.61
CA GLY B 588 19.57 36.50 -16.13
C GLY B 588 19.99 35.19 -15.46
N ARG B 589 20.53 35.28 -14.25
CA ARG B 589 20.96 34.07 -13.54
C ARG B 589 20.80 34.16 -12.03
N PHE B 590 20.06 35.17 -11.55
CA PHE B 590 19.86 35.38 -10.12
C PHE B 590 18.43 35.83 -9.80
N ALA B 591 17.90 35.34 -8.68
CA ALA B 591 16.55 35.73 -8.25
C ALA B 591 16.46 35.71 -6.72
N LEU B 592 15.89 36.77 -6.16
CA LEU B 592 15.72 36.86 -4.70
C LEU B 592 14.38 37.53 -4.47
N SER B 593 13.46 36.80 -3.87
CA SER B 593 12.12 37.33 -3.64
C SER B 593 11.80 37.36 -2.15
N THR B 594 10.96 38.31 -1.76
CA THR B 594 10.61 38.48 -0.37
C THR B 594 9.34 39.32 -0.28
N TRP B 595 8.88 39.54 0.96
CA TRP B 595 7.70 40.35 1.21
C TRP B 595 8.19 41.69 1.77
N ALA B 596 7.72 42.79 1.20
CA ALA B 596 8.09 44.13 1.66
C ALA B 596 6.76 44.77 1.97
N ARG B 597 6.26 44.54 3.18
CA ARG B 597 4.95 45.06 3.55
C ARG B 597 4.87 46.44 4.16
N SER B 598 5.15 47.44 3.33
CA SER B 598 5.09 48.83 3.75
C SER B 598 3.64 49.16 4.06
N TRP B 599 3.45 50.12 4.95
CA TRP B 599 2.12 50.51 5.39
C TRP B 599 1.50 51.72 4.67
N TYR B 600 2.19 52.85 4.71
CA TYR B 600 1.71 54.09 4.13
C TYR B 600 1.48 54.16 2.61
N ASP B 601 0.41 54.85 2.21
CA ASP B 601 0.10 55.00 0.80
C ASP B 601 1.22 55.76 0.09
N ASN B 602 1.83 56.70 0.82
CA ASN B 602 2.89 57.52 0.24
C ASN B 602 4.29 56.91 0.16
N SER B 603 4.45 55.68 0.64
CA SER B 603 5.77 55.04 0.58
C SER B 603 5.99 54.45 -0.80
N THR B 604 6.22 55.34 -1.77
CA THR B 604 6.42 54.94 -3.16
C THR B 604 7.65 55.61 -3.77
N GLN B 605 8.37 56.39 -2.98
CA GLN B 605 9.56 57.06 -3.47
C GLN B 605 10.66 56.06 -3.80
N ILE B 606 11.52 56.43 -4.74
CA ILE B 606 12.66 55.60 -5.12
C ILE B 606 13.86 56.52 -5.06
N ARG B 607 14.98 56.02 -4.53
CA ARG B 607 16.21 56.81 -4.40
C ARG B 607 17.46 56.01 -4.76
N PHE B 608 18.48 56.70 -5.25
CA PHE B 608 19.77 56.08 -5.57
C PHE B 608 20.44 55.94 -4.19
N PHE B 609 21.25 54.90 -3.99
CA PHE B 609 21.94 54.72 -2.71
C PHE B 609 23.38 54.26 -2.93
N HIS B 610 24.29 54.86 -2.16
CA HIS B 610 25.71 54.53 -2.22
C HIS B 610 26.28 54.88 -0.85
N ASN B 611 27.04 53.96 -0.25
CA ASN B 611 27.58 54.22 1.08
C ASN B 611 28.89 54.99 1.10
N GLY B 612 29.29 55.50 -0.06
CA GLY B 612 30.52 56.26 -0.15
C GLY B 612 31.78 55.43 -0.21
N GLU B 613 31.65 54.11 -0.16
CA GLU B 613 32.81 53.24 -0.25
C GLU B 613 32.96 52.85 -1.71
N GLY B 614 34.06 53.28 -2.31
CA GLY B 614 34.25 52.97 -3.71
C GLY B 614 33.41 53.90 -4.57
N GLU B 615 33.16 53.49 -5.80
CA GLU B 615 32.38 54.31 -6.73
C GLU B 615 31.45 53.41 -7.53
N VAL B 616 30.35 54.00 -8.02
CA VAL B 616 29.37 53.26 -8.82
C VAL B 616 28.72 54.14 -9.88
N GLN B 617 28.57 53.58 -11.08
CA GLN B 617 27.92 54.31 -12.18
C GLN B 617 26.59 53.64 -12.50
N PHE B 618 25.53 54.42 -12.45
CA PHE B 618 24.18 53.93 -12.76
C PHE B 618 23.87 54.27 -14.20
N ARG B 619 23.41 53.28 -14.95
CA ARG B 619 23.07 53.49 -16.36
C ARG B 619 21.74 52.84 -16.71
N ASN B 620 21.10 53.34 -17.76
CA ASN B 620 19.82 52.81 -18.23
C ASN B 620 18.85 52.53 -17.10
N VAL B 621 18.73 53.48 -16.19
CA VAL B 621 17.81 53.37 -15.06
C VAL B 621 16.44 53.82 -15.57
N SER B 622 15.40 53.04 -15.27
CA SER B 622 14.05 53.37 -15.71
C SER B 622 12.98 52.67 -14.87
N VAL B 623 11.80 53.27 -14.82
CA VAL B 623 10.70 52.70 -14.04
C VAL B 623 9.42 52.62 -14.85
N SER B 624 8.82 51.43 -14.88
CA SER B 624 7.56 51.21 -15.58
C SER B 624 6.51 50.98 -14.51
N GLU B 625 5.54 51.89 -14.42
CA GLU B 625 4.52 51.78 -13.39
C GLU B 625 3.19 51.24 -13.88
N GLY B 626 2.56 50.44 -13.04
CA GLY B 626 1.26 49.89 -13.37
C GLY B 626 1.12 48.38 -13.45
N LEU B 627 2.10 47.71 -14.05
CA LEU B 627 2.03 46.27 -14.21
C LEU B 627 0.70 45.97 -14.92
N TYR B 628 0.03 44.89 -14.54
CA TYR B 628 -1.25 44.54 -15.15
C TYR B 628 -2.05 43.61 -14.23
N ASN B 629 -3.28 43.32 -14.62
CA ASN B 629 -4.18 42.45 -13.84
C ASN B 629 -4.09 41.02 -14.38
N ALA B 630 -3.50 40.12 -13.60
CA ALA B 630 -3.37 38.74 -14.05
C ALA B 630 -4.66 37.92 -13.98
N TRP B 631 -5.68 38.46 -13.30
CA TRP B 631 -6.94 37.76 -13.17
C TRP B 631 -8.15 38.60 -13.62
N PRO B 632 -8.29 38.80 -14.94
CA PRO B 632 -9.37 39.59 -15.55
C PRO B 632 -10.78 39.13 -15.19
N GLU B 633 -10.98 37.83 -15.09
CA GLU B 633 -12.31 37.30 -14.77
C GLU B 633 -12.74 37.46 -13.33
N ARG B 634 -11.82 37.77 -12.43
CA ARG B 634 -12.19 37.96 -11.03
C ARG B 634 -12.70 39.38 -10.86
C2 BGC C . -14.91 -16.85 -1.88
C3 BGC C . -14.27 -16.34 -3.16
C4 BGC C . -14.31 -14.79 -3.20
C5 BGC C . -13.90 -14.11 -1.87
C6 BGC C . -14.42 -12.68 -1.87
C1 BGC C . -14.15 -16.20 -0.75
O1 BGC C . -14.50 -16.77 0.46
O2 BGC C . -14.86 -18.27 -1.78
O3 BGC C . -14.97 -16.85 -4.28
O4 BGC C . -13.46 -14.30 -4.23
O5 BGC C . -14.47 -14.80 -0.73
O6 BGC C . -15.50 -11.89 -1.63
C2 BGC D . 7.49 20.71 5.03
C3 BGC D . 8.02 19.58 5.93
C4 BGC D . 6.85 18.76 6.51
C5 BGC D . 5.87 18.33 5.41
C6 BGC D . 4.61 17.68 5.95
C1 BGC D . 6.60 20.06 3.97
O1 BGC D . 6.17 20.99 3.06
O2 BGC D . 8.57 21.42 4.42
O3 BGC D . 8.80 20.11 6.99
O4 BGC D . 7.34 17.60 7.16
O5 BGC D . 5.47 19.48 4.63
O6 BGC D . 3.91 18.57 6.80
#